data_9JJ1
#
_entry.id   9JJ1
#
_cell.length_a   1.00
_cell.length_b   1.00
_cell.length_c   1.00
_cell.angle_alpha   90.00
_cell.angle_beta   90.00
_cell.angle_gamma   90.00
#
_symmetry.space_group_name_H-M   'P 1'
#
loop_
_entity.id
_entity.type
_entity.pdbx_description
1 polymer 'Probable proton-coupled zinc antiporter SLC30A3'
2 non-polymer 'ZINC ION'
3 non-polymer 'Lauryl Maltose Neopentyl Glycol'
#
_entity_poly.entity_id   1
_entity_poly.type   'polypeptide(L)'
_entity_poly.pdbx_seq_one_letter_code
;MEPSPAAGGLETTRLVSPRDRGGAGGSLRLKSLFTEPSEPLPEESKPVEMPFHHCHRDPLPPPGLTPERLHARRQLYAAC
AVCFVFMAGEVVGGYLAHSLAIMTDAAHLLADVGSMMGSLFSLWLSTRPATRTMTFGWHRSETLGALASVVSLWMVTGIL
LYLAFVRLLHSDYHIEGGAMLLTASIAVCANLLMAFVLHQAGPPHSHGSRGAEYAPLEEGPEEPLPLGNTSVRAAFVHVL
GDLLQSFGVLAASILIYFKPQYKAADPISTFLFSICALGSTAPTLRDVLRILMEGTPRNVGFEPVRDTLLSVPGVRATHE
LHLWALTLTYHVASAHLAIDSTADPEAVLAEASSRLYSRFGFSSCTLQVEQYQPEMAQCLRCQEPPQAGSIEGRIVKDYK
DDDDK
;
_entity_poly.pdbx_strand_id   A,B
#
loop_
_chem_comp.id
_chem_comp.type
_chem_comp.name
_chem_comp.formula
AV0 non-polymer 'Lauryl Maltose Neopentyl Glycol' 'C47 H88 O22'
ZN non-polymer 'ZINC ION' 'Zn 2'
#
# COMPACT_ATOMS: atom_id res chain seq x y z
N HIS A 54 25.72 -25.92 5.91
CA HIS A 54 24.32 -25.82 5.49
C HIS A 54 23.71 -24.49 5.95
N CYS A 55 23.60 -23.54 5.03
CA CYS A 55 22.95 -22.29 5.33
C CYS A 55 21.46 -22.52 5.57
N HIS A 56 20.92 -21.84 6.58
CA HIS A 56 19.53 -21.87 7.08
C HIS A 56 19.25 -23.09 7.95
N ARG A 57 20.21 -23.99 8.13
CA ARG A 57 20.01 -25.18 8.96
C ARG A 57 20.26 -24.92 10.43
N ASP A 58 20.85 -23.78 10.79
CA ASP A 58 21.11 -23.50 12.20
C ASP A 58 19.84 -23.40 13.03
N PRO A 59 18.79 -22.64 12.63
CA PRO A 59 17.55 -22.66 13.40
C PRO A 59 16.61 -23.77 12.95
N LEU A 60 15.45 -23.87 13.61
CA LEU A 60 14.45 -24.87 13.25
C LEU A 60 13.07 -24.23 13.19
N PRO A 61 12.22 -24.67 12.29
CA PRO A 61 10.87 -24.10 12.20
C PRO A 61 9.91 -24.83 13.10
N PRO A 62 9.18 -24.13 13.97
CA PRO A 62 8.21 -24.78 14.84
C PRO A 62 6.87 -24.91 14.13
N PRO A 63 6.40 -26.15 13.94
CA PRO A 63 5.11 -26.36 13.28
C PRO A 63 3.96 -26.32 14.28
N GLY A 64 2.75 -26.36 13.73
CA GLY A 64 1.56 -26.35 14.56
C GLY A 64 1.24 -24.98 15.11
N LEU A 65 0.34 -24.97 16.08
CA LEU A 65 -0.10 -23.74 16.74
C LEU A 65 0.37 -23.77 18.18
N THR A 66 1.12 -22.74 18.58
CA THR A 66 1.63 -22.68 19.95
C THR A 66 0.47 -22.41 20.91
N PRO A 67 0.56 -22.95 22.13
CA PRO A 67 -0.51 -22.70 23.11
C PRO A 67 -0.72 -21.22 23.42
N GLU A 68 0.35 -20.42 23.44
CA GLU A 68 0.21 -19.00 23.72
C GLU A 68 -0.47 -18.28 22.57
N ARG A 69 -0.29 -18.74 21.34
CA ARG A 69 -0.97 -18.10 20.21
C ARG A 69 -2.47 -18.32 20.26
N LEU A 70 -2.92 -19.48 20.75
CA LEU A 70 -4.34 -19.69 20.97
C LEU A 70 -4.89 -18.68 21.98
N HIS A 71 -4.14 -18.44 23.05
CA HIS A 71 -4.55 -17.44 24.04
C HIS A 71 -4.60 -16.06 23.42
N ALA A 72 -3.62 -15.71 22.60
CA ALA A 72 -3.62 -14.40 21.94
C ALA A 72 -4.82 -14.27 21.02
N ARG A 73 -5.15 -15.32 20.28
CA ARG A 73 -6.34 -15.29 19.43
C ARG A 73 -7.60 -15.10 20.25
N ARG A 74 -7.69 -15.79 21.39
CA ARG A 74 -8.87 -15.63 22.25
C ARG A 74 -8.99 -14.20 22.78
N GLN A 75 -7.87 -13.62 23.20
CA GLN A 75 -7.91 -12.23 23.67
C GLN A 75 -8.32 -11.28 22.54
N LEU A 76 -7.80 -11.49 21.34
CA LEU A 76 -8.19 -10.64 20.22
C LEU A 76 -9.67 -10.79 19.89
N TYR A 77 -10.20 -12.01 19.95
CA TYR A 77 -11.63 -12.22 19.72
C TYR A 77 -12.46 -11.47 20.76
N ALA A 78 -12.10 -11.60 22.03
CA ALA A 78 -12.85 -10.94 23.08
C ALA A 78 -12.80 -9.42 22.93
N ALA A 79 -11.62 -8.88 22.64
CA ALA A 79 -11.48 -7.45 22.48
C ALA A 79 -12.27 -6.95 21.28
N CYS A 80 -12.24 -7.69 20.16
CA CYS A 80 -13.02 -7.30 18.99
C CYS A 80 -14.51 -7.30 19.31
N ALA A 81 -14.99 -8.32 20.01
CA ALA A 81 -16.41 -8.38 20.34
C ALA A 81 -16.81 -7.20 21.22
N VAL A 82 -16.02 -6.92 22.26
CA VAL A 82 -16.34 -5.84 23.17
C VAL A 82 -16.32 -4.49 22.45
N CYS A 83 -15.29 -4.25 21.64
CA CYS A 83 -15.21 -2.98 20.95
C CYS A 83 -16.30 -2.83 19.90
N PHE A 84 -16.70 -3.92 19.24
CA PHE A 84 -17.80 -3.83 18.28
C PHE A 84 -19.11 -3.51 18.97
N VAL A 85 -19.37 -4.15 20.12
CA VAL A 85 -20.59 -3.83 20.86
C VAL A 85 -20.59 -2.38 21.31
N PHE A 86 -19.45 -1.91 21.81
CA PHE A 86 -19.34 -0.51 22.22
C PHE A 86 -19.58 0.44 21.04
N MET A 87 -18.99 0.12 19.88
CA MET A 87 -19.16 0.95 18.71
C MET A 87 -20.62 1.00 18.26
N ALA A 88 -21.29 -0.15 18.24
CA ALA A 88 -22.69 -0.17 17.82
C ALA A 88 -23.55 0.63 18.78
N GLY A 89 -23.35 0.45 20.09
CA GLY A 89 -24.11 1.23 21.06
C GLY A 89 -23.88 2.72 20.91
N GLU A 90 -22.63 3.13 20.71
CA GLU A 90 -22.34 4.55 20.60
C GLU A 90 -22.89 5.13 19.30
N VAL A 91 -22.84 4.36 18.21
CA VAL A 91 -23.45 4.83 16.96
C VAL A 91 -24.94 5.04 17.13
N VAL A 92 -25.62 4.08 17.77
CA VAL A 92 -27.06 4.22 18.00
C VAL A 92 -27.35 5.45 18.85
N GLY A 93 -26.60 5.62 19.94
CA GLY A 93 -26.84 6.76 20.82
C GLY A 93 -26.59 8.09 20.14
N GLY A 94 -25.48 8.21 19.40
CA GLY A 94 -25.18 9.45 18.72
C GLY A 94 -26.18 9.77 17.63
N TYR A 95 -26.61 8.75 16.88
CA TYR A 95 -27.65 8.98 15.87
C TYR A 95 -28.94 9.45 16.52
N LEU A 96 -29.30 8.86 17.65
CA LEU A 96 -30.48 9.34 18.37
C LEU A 96 -30.30 10.77 18.85
N ALA A 97 -29.07 11.15 19.20
CA ALA A 97 -28.80 12.48 19.72
C ALA A 97 -28.39 13.48 18.66
N HIS A 98 -28.23 13.05 17.40
CA HIS A 98 -27.78 13.93 16.31
C HIS A 98 -26.46 14.60 16.64
N SER A 99 -25.57 13.87 17.33
CA SER A 99 -24.30 14.41 17.79
C SER A 99 -23.17 13.94 16.89
N LEU A 100 -22.17 14.80 16.73
CA LEU A 100 -21.00 14.48 15.92
C LEU A 100 -19.78 14.10 16.75
N ALA A 101 -19.71 14.55 18.00
CA ALA A 101 -18.65 14.09 18.87
C ALA A 101 -18.76 12.60 19.15
N ILE A 102 -19.99 12.12 19.35
CA ILE A 102 -20.22 10.70 19.54
C ILE A 102 -19.89 9.93 18.27
N MET A 103 -20.15 10.55 17.11
CA MET A 103 -19.64 9.99 15.86
C MET A 103 -18.13 9.88 15.85
N THR A 104 -17.44 10.88 16.39
CA THR A 104 -15.98 10.81 16.44
C THR A 104 -15.51 9.66 17.33
N ASP A 105 -16.14 9.51 18.50
CA ASP A 105 -15.77 8.40 19.38
C ASP A 105 -16.07 7.05 18.74
N ALA A 106 -17.21 6.93 18.07
CA ALA A 106 -17.56 5.69 17.40
C ALA A 106 -16.61 5.41 16.24
N ALA A 107 -16.15 6.46 15.55
CA ALA A 107 -15.16 6.27 14.51
C ALA A 107 -13.84 5.78 15.08
N HIS A 108 -13.45 6.29 16.24
CA HIS A 108 -12.25 5.78 16.89
C HIS A 108 -12.41 4.31 17.25
N LEU A 109 -13.58 3.94 17.78
CA LEU A 109 -13.82 2.54 18.09
C LEU A 109 -13.81 1.68 16.84
N LEU A 110 -14.32 2.21 15.73
CA LEU A 110 -14.27 1.50 14.46
C LEU A 110 -12.82 1.30 14.02
N ALA A 111 -11.98 2.31 14.22
CA ALA A 111 -10.56 2.17 13.90
C ALA A 111 -9.91 1.09 14.76
N ASP A 112 -10.24 1.07 16.05
CA ASP A 112 -9.70 0.04 16.94
C ASP A 112 -10.14 -1.35 16.47
N VAL A 113 -11.43 -1.50 16.14
CA VAL A 113 -11.96 -2.78 15.68
C VAL A 113 -11.27 -3.21 14.39
N GLY A 114 -11.10 -2.28 13.45
CA GLY A 114 -10.45 -2.60 12.19
C GLY A 114 -9.01 -3.01 12.38
N SER A 115 -8.29 -2.32 13.27
CA SER A 115 -6.91 -2.69 13.53
C SER A 115 -6.82 -4.09 14.13
N MET A 116 -7.69 -4.39 15.11
CA MET A 116 -7.64 -5.71 15.72
C MET A 116 -8.05 -6.80 14.73
N MET A 117 -9.04 -6.53 13.89
CA MET A 117 -9.45 -7.49 12.87
C MET A 117 -8.35 -7.73 11.85
N GLY A 118 -7.66 -6.67 11.45
CA GLY A 118 -6.53 -6.84 10.55
C GLY A 118 -5.42 -7.64 11.19
N SER A 119 -5.17 -7.42 12.49
CA SER A 119 -4.18 -8.21 13.20
C SER A 119 -4.59 -9.69 13.23
N LEU A 120 -5.86 -9.97 13.49
CA LEU A 120 -6.34 -11.34 13.50
C LEU A 120 -6.21 -11.99 12.12
N PHE A 121 -6.57 -11.26 11.08
CA PHE A 121 -6.46 -11.79 9.72
C PHE A 121 -5.01 -12.06 9.35
N SER A 122 -4.11 -11.16 9.72
CA SER A 122 -2.69 -11.38 9.45
C SER A 122 -2.17 -12.57 10.24
N LEU A 123 -2.61 -12.73 11.48
CA LEU A 123 -2.19 -13.88 12.27
C LEU A 123 -2.66 -15.18 11.64
N TRP A 124 -3.89 -15.21 11.13
CA TRP A 124 -4.38 -16.41 10.45
C TRP A 124 -3.61 -16.65 9.16
N LEU A 125 -3.32 -15.59 8.41
CA LEU A 125 -2.64 -15.74 7.13
C LEU A 125 -1.19 -16.18 7.30
N SER A 126 -0.52 -15.72 8.35
CA SER A 126 0.89 -16.04 8.53
C SER A 126 1.04 -17.42 9.13
N THR A 127 0.29 -18.39 8.60
CA THR A 127 0.49 -19.79 8.90
C THR A 127 0.49 -20.67 7.67
N ARG A 128 0.05 -20.18 6.52
CA ARG A 128 0.08 -20.96 5.31
C ARG A 128 1.51 -21.03 4.77
N PRO A 129 1.92 -22.15 4.18
CA PRO A 129 3.27 -22.24 3.62
C PRO A 129 3.41 -21.34 2.41
N ALA A 130 4.65 -20.93 2.15
CA ALA A 130 4.94 -20.12 0.98
C ALA A 130 4.63 -20.91 -0.29
N THR A 131 3.97 -20.27 -1.24
CA THR A 131 3.59 -20.89 -2.50
C THR A 131 4.58 -20.48 -3.59
N ARG A 132 4.30 -20.95 -4.81
CA ARG A 132 5.13 -20.59 -5.95
C ARG A 132 4.84 -19.19 -6.47
N THR A 133 3.72 -18.59 -6.07
CA THR A 133 3.43 -17.21 -6.43
C THR A 133 3.71 -16.23 -5.30
N MET A 134 3.85 -16.72 -4.07
CA MET A 134 4.19 -15.90 -2.90
C MET A 134 5.39 -16.58 -2.24
N THR A 135 6.58 -16.27 -2.72
CA THR A 135 7.78 -16.99 -2.27
C THR A 135 8.13 -16.62 -0.84
N PHE A 136 7.91 -15.37 -0.44
CA PHE A 136 8.26 -14.92 0.89
C PHE A 136 7.25 -15.32 1.95
N GLY A 137 6.05 -15.74 1.55
CA GLY A 137 5.01 -16.03 2.52
C GLY A 137 3.89 -15.02 2.46
N TRP A 138 3.24 -14.77 3.59
CA TRP A 138 2.12 -13.83 3.65
C TRP A 138 2.32 -12.80 4.74
N HIS A 139 3.57 -12.48 5.06
CA HIS A 139 3.86 -11.55 6.15
C HIS A 139 3.50 -10.12 5.81
N ARG A 140 3.49 -9.75 4.53
CA ARG A 140 3.12 -8.40 4.12
C ARG A 140 1.66 -8.09 4.37
N SER A 141 0.85 -9.10 4.68
CA SER A 141 -0.56 -8.88 4.95
C SER A 141 -0.75 -8.00 6.18
N GLU A 142 0.12 -8.11 7.17
CA GLU A 142 0.01 -7.28 8.36
C GLU A 142 0.21 -5.81 8.02
N THR A 143 1.23 -5.51 7.21
CA THR A 143 1.46 -4.13 6.79
C THR A 143 0.30 -3.62 5.94
N LEU A 144 -0.21 -4.47 5.04
CA LEU A 144 -1.33 -4.05 4.21
C LEU A 144 -2.57 -3.78 5.04
N GLY A 145 -2.81 -4.60 6.06
CA GLY A 145 -3.95 -4.36 6.95
C GLY A 145 -3.80 -3.08 7.75
N ALA A 146 -2.57 -2.80 8.22
CA ALA A 146 -2.34 -1.54 8.92
C ALA A 146 -2.62 -0.34 8.01
N LEU A 147 -2.15 -0.43 6.76
CA LEU A 147 -2.41 0.64 5.81
C LEU A 147 -3.90 0.80 5.54
N ALA A 148 -4.62 -0.32 5.41
CA ALA A 148 -6.05 -0.26 5.19
C ALA A 148 -6.78 0.39 6.36
N SER A 149 -6.37 0.05 7.59
CA SER A 149 -6.98 0.67 8.75
C SER A 149 -6.72 2.17 8.79
N VAL A 150 -5.50 2.58 8.46
CA VAL A 150 -5.19 4.01 8.43
C VAL A 150 -6.03 4.72 7.38
N VAL A 151 -6.17 4.12 6.20
CA VAL A 151 -6.94 4.75 5.12
C VAL A 151 -8.41 4.86 5.52
N SER A 152 -8.96 3.81 6.14
CA SER A 152 -10.36 3.87 6.56
C SER A 152 -10.56 4.94 7.63
N LEU A 153 -9.62 5.06 8.56
CA LEU A 153 -9.71 6.11 9.57
C LEU A 153 -9.69 7.48 8.91
N TRP A 154 -8.82 7.67 7.92
CA TRP A 154 -8.78 8.95 7.21
C TRP A 154 -10.11 9.23 6.51
N MET A 155 -10.70 8.20 5.89
CA MET A 155 -11.98 8.38 5.22
C MET A 155 -13.05 8.86 6.19
N VAL A 156 -13.22 8.14 7.30
CA VAL A 156 -14.28 8.48 8.24
C VAL A 156 -14.01 9.84 8.87
N THR A 157 -12.75 10.14 9.19
CA THR A 157 -12.41 11.42 9.77
C THR A 157 -12.71 12.56 8.80
N GLY A 158 -12.41 12.37 7.52
CA GLY A 158 -12.73 13.40 6.54
C GLY A 158 -14.22 13.63 6.40
N ILE A 159 -15.00 12.55 6.40
CA ILE A 159 -16.45 12.69 6.32
C ILE A 159 -16.97 13.47 7.53
N LEU A 160 -16.48 13.12 8.73
CA LEU A 160 -16.91 13.80 9.95
C LEU A 160 -16.49 15.26 9.94
N LEU A 161 -15.29 15.55 9.45
CA LEU A 161 -14.81 16.93 9.40
C LEU A 161 -15.65 17.75 8.44
N TYR A 162 -16.01 17.19 7.28
CA TYR A 162 -16.88 17.90 6.37
C TYR A 162 -18.24 18.17 7.00
N LEU A 163 -18.80 17.17 7.69
CA LEU A 163 -20.09 17.37 8.34
C LEU A 163 -20.01 18.46 9.39
N ALA A 164 -18.94 18.47 10.19
CA ALA A 164 -18.79 19.49 11.22
C ALA A 164 -18.63 20.87 10.60
N PHE A 165 -17.86 20.97 9.51
CA PHE A 165 -17.70 22.26 8.84
C PHE A 165 -19.02 22.77 8.29
N VAL A 166 -19.82 21.87 7.70
CA VAL A 166 -21.13 22.27 7.21
C VAL A 166 -22.03 22.69 8.38
N ARG A 167 -21.88 22.03 9.53
CA ARG A 167 -22.66 22.41 10.70
C ARG A 167 -22.28 23.80 11.19
N LEU A 168 -20.99 24.14 11.16
CA LEU A 168 -20.53 25.39 11.75
C LEU A 168 -21.09 26.60 11.02
N LEU A 169 -21.12 26.57 9.68
CA LEU A 169 -21.61 27.67 8.87
C LEU A 169 -22.86 27.22 8.12
N HIS A 170 -23.90 28.07 8.15
CA HIS A 170 -25.30 27.64 8.05
C HIS A 170 -25.63 26.65 9.18
N SER A 171 -25.55 27.16 10.40
CA SER A 171 -25.74 26.36 11.60
C SER A 171 -27.22 26.02 11.73
N ASP A 172 -27.64 24.99 10.97
CA ASP A 172 -29.02 24.51 10.96
C ASP A 172 -28.98 23.06 11.44
N TYR A 173 -29.09 22.88 12.75
CA TYR A 173 -29.13 21.55 13.35
C TYR A 173 -29.60 21.68 14.79
N HIS A 174 -30.21 20.61 15.29
CA HIS A 174 -30.66 20.54 16.67
C HIS A 174 -30.04 19.30 17.31
N ILE A 175 -29.59 19.46 18.55
CA ILE A 175 -28.93 18.39 19.30
C ILE A 175 -29.76 18.10 20.53
N GLU A 176 -30.18 16.85 20.68
CA GLU A 176 -30.94 16.43 21.86
C GLU A 176 -29.98 16.32 23.04
N GLY A 177 -30.14 17.22 24.02
CA GLY A 177 -29.22 17.24 25.13
C GLY A 177 -29.30 15.98 25.99
N GLY A 178 -30.52 15.52 26.26
CA GLY A 178 -30.66 14.36 27.12
C GLY A 178 -30.06 13.10 26.52
N ALA A 179 -30.35 12.84 25.24
CA ALA A 179 -29.82 11.64 24.59
C ALA A 179 -28.30 11.70 24.50
N MET A 180 -27.75 12.86 24.13
CA MET A 180 -26.30 12.99 24.02
C MET A 180 -25.63 12.82 25.37
N LEU A 181 -26.19 13.42 26.42
CA LEU A 181 -25.63 13.27 27.75
C LEU A 181 -25.69 11.81 28.21
N LEU A 182 -26.81 11.14 27.97
CA LEU A 182 -26.93 9.74 28.37
C LEU A 182 -25.92 8.87 27.63
N THR A 183 -25.76 9.09 26.32
CA THR A 183 -24.80 8.30 25.56
C THR A 183 -23.39 8.55 26.03
N ALA A 184 -23.05 9.81 26.32
CA ALA A 184 -21.70 10.13 26.80
C ALA A 184 -21.44 9.50 28.16
N SER A 185 -22.42 9.54 29.06
CA SER A 185 -22.26 8.90 30.36
C SER A 185 -22.09 7.40 30.22
N ILE A 186 -22.87 6.78 29.34
CA ILE A 186 -22.75 5.35 29.11
C ILE A 186 -21.36 5.00 28.56
N ALA A 187 -20.87 5.81 27.62
CA ALA A 187 -19.55 5.57 27.07
C ALA A 187 -18.46 5.72 28.12
N VAL A 188 -18.56 6.73 28.97
CA VAL A 188 -17.56 6.92 30.03
C VAL A 188 -17.59 5.74 30.99
N CYS A 189 -18.79 5.30 31.37
CA CYS A 189 -18.90 4.15 32.28
C CYS A 189 -18.34 2.88 31.64
N ALA A 190 -18.59 2.69 30.34
CA ALA A 190 -18.05 1.52 29.66
C ALA A 190 -16.54 1.55 29.61
N ASN A 191 -15.96 2.73 29.34
CA ASN A 191 -14.50 2.84 29.33
C ASN A 191 -13.91 2.57 30.71
N LEU A 192 -14.57 3.09 31.76
CA LEU A 192 -14.10 2.83 33.11
C LEU A 192 -14.17 1.35 33.45
N LEU A 193 -15.25 0.68 33.05
CA LEU A 193 -15.39 -0.75 33.31
C LEU A 193 -14.32 -1.54 32.56
N MET A 194 -14.05 -1.18 31.31
CA MET A 194 -13.01 -1.84 30.55
C MET A 194 -11.65 -1.66 31.19
N ALA A 195 -11.35 -0.44 31.65
CA ALA A 195 -10.07 -0.20 32.32
C ALA A 195 -9.95 -1.00 33.60
N PHE A 196 -11.03 -1.07 34.39
CA PHE A 196 -10.99 -1.85 35.62
C PHE A 196 -10.78 -3.33 35.33
N VAL A 197 -11.48 -3.86 34.31
CA VAL A 197 -11.31 -5.27 33.95
C VAL A 197 -9.89 -5.55 33.49
N LEU A 198 -9.33 -4.65 32.67
CA LEU A 198 -7.96 -4.85 32.20
C LEU A 198 -6.96 -4.79 33.35
N HIS A 199 -7.17 -3.87 34.29
CA HIS A 199 -6.28 -3.81 35.46
C HIS A 199 -6.38 -5.07 36.29
N GLN A 200 -7.59 -5.60 36.46
CA GLN A 200 -7.75 -6.85 37.20
C GLN A 200 -7.05 -8.00 36.50
N ALA A 201 -7.17 -8.07 35.17
CA ALA A 201 -6.53 -9.12 34.41
C ALA A 201 -5.16 -8.68 33.92
N THR A 230 2.60 -6.24 28.59
CA THR A 230 2.43 -6.91 27.30
C THR A 230 1.18 -6.43 26.59
N SER A 231 0.43 -7.37 26.01
CA SER A 231 -0.79 -7.02 25.30
C SER A 231 -1.82 -6.43 26.27
N VAL A 232 -1.93 -6.98 27.47
CA VAL A 232 -2.89 -6.48 28.44
C VAL A 232 -2.53 -5.05 28.85
N ARG A 233 -1.24 -4.78 29.09
CA ARG A 233 -0.82 -3.43 29.45
C ARG A 233 -1.05 -2.45 28.30
N ALA A 234 -0.78 -2.89 27.07
CA ALA A 234 -1.06 -2.03 25.92
C ALA A 234 -2.54 -1.72 25.82
N ALA A 235 -3.39 -2.72 26.02
CA ALA A 235 -4.82 -2.48 26.03
C ALA A 235 -5.21 -1.53 27.15
N PHE A 236 -4.55 -1.64 28.30
CA PHE A 236 -4.86 -0.78 29.43
C PHE A 236 -4.56 0.68 29.11
N VAL A 237 -3.38 0.95 28.55
CA VAL A 237 -3.05 2.34 28.24
C VAL A 237 -3.92 2.87 27.10
N HIS A 238 -4.23 2.01 26.12
CA HIS A 238 -5.14 2.43 25.05
C HIS A 238 -6.51 2.77 25.60
N VAL A 239 -7.00 1.97 26.55
CA VAL A 239 -8.30 2.25 27.16
C VAL A 239 -8.24 3.52 27.99
N LEU A 240 -7.10 3.80 28.62
CA LEU A 240 -6.97 5.07 29.34
C LEU A 240 -7.08 6.27 28.39
N GLY A 241 -6.44 6.17 27.23
CA GLY A 241 -6.60 7.24 26.23
C GLY A 241 -8.02 7.36 25.73
N ASP A 242 -8.65 6.22 25.44
CA ASP A 242 -10.06 6.20 25.06
C ASP A 242 -10.91 6.89 26.14
N LEU A 243 -10.60 6.63 27.41
CA LEU A 243 -11.36 7.20 28.51
C LEU A 243 -11.17 8.70 28.60
N LEU A 244 -9.96 9.18 28.32
CA LEU A 244 -9.75 10.63 28.29
C LEU A 244 -10.58 11.28 27.19
N GLN A 245 -10.59 10.69 26.00
CA GLN A 245 -11.42 11.22 24.93
C GLN A 245 -12.90 11.20 25.29
N SER A 246 -13.34 10.10 25.93
CA SER A 246 -14.74 10.00 26.35
C SER A 246 -15.07 11.05 27.40
N PHE A 247 -14.12 11.36 28.28
CA PHE A 247 -14.33 12.42 29.26
C PHE A 247 -14.50 13.77 28.58
N GLY A 248 -13.69 14.03 27.55
CA GLY A 248 -13.88 15.27 26.80
C GLY A 248 -15.24 15.34 26.14
N VAL A 249 -15.69 14.24 25.54
CA VAL A 249 -17.01 14.21 24.91
C VAL A 249 -18.10 14.41 25.96
N LEU A 250 -17.93 13.81 27.13
CA LEU A 250 -18.90 13.97 28.20
C LEU A 250 -18.97 15.40 28.69
N ALA A 251 -17.82 16.07 28.78
CA ALA A 251 -17.82 17.48 29.17
C ALA A 251 -18.57 18.33 28.15
N ALA A 252 -18.33 18.07 26.86
CA ALA A 252 -19.06 18.79 25.82
C ALA A 252 -20.56 18.54 25.93
N SER A 253 -20.95 17.28 26.17
CA SER A 253 -22.37 16.94 26.28
C SER A 253 -23.00 17.61 27.50
N ILE A 254 -22.27 17.66 28.62
CA ILE A 254 -22.78 18.33 29.81
C ILE A 254 -22.99 19.81 29.53
N LEU A 255 -22.04 20.44 28.84
CA LEU A 255 -22.20 21.86 28.51
C LEU A 255 -23.41 22.08 27.61
N ILE A 256 -23.60 21.23 26.61
CA ILE A 256 -24.71 21.41 25.69
C ILE A 256 -26.04 21.18 26.39
N TYR A 257 -26.12 20.17 27.26
CA TYR A 257 -27.39 19.81 27.87
C TYR A 257 -27.93 20.93 28.75
N PHE A 258 -27.07 21.53 29.57
CA PHE A 258 -27.53 22.59 30.48
C PHE A 258 -27.75 23.90 29.75
N LYS A 259 -26.93 24.21 28.75
CA LYS A 259 -27.04 25.45 27.97
C LYS A 259 -27.25 25.06 26.51
N PRO A 260 -28.49 24.91 26.07
CA PRO A 260 -28.74 24.47 24.69
C PRO A 260 -28.24 25.45 23.65
N GLN A 261 -28.02 26.71 24.01
CA GLN A 261 -27.56 27.69 23.04
C GLN A 261 -26.14 27.41 22.55
N TYR A 262 -25.38 26.60 23.28
CA TYR A 262 -24.00 26.29 22.89
C TYR A 262 -23.92 25.01 22.06
N LYS A 263 -24.71 24.93 20.99
CA LYS A 263 -24.64 23.77 20.12
C LYS A 263 -23.29 23.67 19.40
N ALA A 264 -22.56 24.78 19.30
CA ALA A 264 -21.30 24.78 18.58
C ALA A 264 -20.22 23.95 19.27
N ALA A 265 -20.44 23.53 20.51
CA ALA A 265 -19.46 22.70 21.20
C ALA A 265 -19.30 21.33 20.56
N ASP A 266 -20.30 20.88 19.81
CA ASP A 266 -20.21 19.57 19.16
C ASP A 266 -19.32 19.60 17.93
N PRO A 267 -19.53 20.51 16.96
CA PRO A 267 -18.59 20.55 15.83
C PRO A 267 -17.16 20.91 16.25
N ILE A 268 -17.00 21.76 17.26
CA ILE A 268 -15.66 22.12 17.72
C ILE A 268 -14.96 20.90 18.31
N SER A 269 -15.67 20.14 19.13
CA SER A 269 -15.09 18.91 19.68
C SER A 269 -14.77 17.92 18.58
N THR A 270 -15.65 17.82 17.58
CA THR A 270 -15.38 16.93 16.45
C THR A 270 -14.09 17.34 15.75
N PHE A 271 -13.91 18.64 15.52
CA PHE A 271 -12.69 19.12 14.87
C PHE A 271 -11.46 18.78 15.70
N LEU A 272 -11.51 19.07 17.00
CA LEU A 272 -10.34 18.82 17.85
C LEU A 272 -9.98 17.35 17.86
N PHE A 273 -10.98 16.48 18.04
CA PHE A 273 -10.70 15.06 18.13
C PHE A 273 -10.27 14.48 16.77
N SER A 274 -10.80 15.02 15.67
CA SER A 274 -10.36 14.55 14.36
C SER A 274 -8.90 14.92 14.09
N ILE A 275 -8.51 16.16 14.43
CA ILE A 275 -7.11 16.55 14.29
C ILE A 275 -6.23 15.67 15.18
N CYS A 276 -6.68 15.40 16.40
CA CYS A 276 -5.90 14.52 17.28
C CYS A 276 -5.76 13.12 16.68
N ALA A 277 -6.84 12.59 16.09
CA ALA A 277 -6.78 11.26 15.50
C ALA A 277 -5.81 11.23 14.32
N LEU A 278 -5.85 12.24 13.45
CA LEU A 278 -4.94 12.28 12.31
C LEU A 278 -3.48 12.40 12.77
N GLY A 279 -3.24 13.24 13.77
CA GLY A 279 -1.90 13.36 14.30
C GLY A 279 -1.39 12.07 14.91
N SER A 280 -2.28 11.33 15.56
CA SER A 280 -1.90 10.03 16.13
C SER A 280 -1.65 9.00 15.04
N THR A 281 -2.39 9.07 13.93
CA THR A 281 -2.23 8.08 12.87
C THR A 281 -1.06 8.39 11.95
N ALA A 282 -0.51 9.60 11.99
CA ALA A 282 0.62 9.92 11.12
C ALA A 282 1.83 9.01 11.30
N PRO A 283 2.32 8.72 12.53
CA PRO A 283 3.53 7.88 12.65
C PRO A 283 3.35 6.48 12.07
N THR A 284 2.20 5.86 12.28
CA THR A 284 1.98 4.52 11.73
C THR A 284 1.98 4.55 10.22
N LEU A 285 1.40 5.61 9.63
CA LEU A 285 1.43 5.76 8.18
C LEU A 285 2.87 5.91 7.68
N ARG A 286 3.68 6.69 8.41
CA ARG A 286 5.08 6.85 8.02
C ARG A 286 5.82 5.51 8.05
N ASP A 287 5.63 4.73 9.12
CA ASP A 287 6.29 3.44 9.22
C ASP A 287 5.84 2.49 8.13
N VAL A 288 4.52 2.46 7.86
CA VAL A 288 3.99 1.57 6.83
C VAL A 288 4.54 1.95 5.47
N LEU A 289 4.59 3.26 5.18
CA LEU A 289 5.13 3.70 3.89
C LEU A 289 6.60 3.34 3.76
N ARG A 290 7.37 3.49 4.84
CA ARG A 290 8.78 3.11 4.79
C ARG A 290 8.95 1.62 4.51
N ILE A 291 8.12 0.78 5.14
CA ILE A 291 8.19 -0.65 4.88
C ILE A 291 7.81 -0.96 3.44
N LEU A 292 6.74 -0.35 2.96
CA LEU A 292 6.21 -0.68 1.64
C LEU A 292 7.13 -0.20 0.51
N MET A 293 7.81 0.93 0.71
CA MET A 293 8.70 1.47 -0.31
C MET A 293 10.02 0.72 -0.39
N GLU A 294 10.14 -0.44 0.25
CA GLU A 294 11.35 -1.24 0.23
C GLU A 294 12.53 -0.48 0.85
N GLY A 295 12.26 0.22 1.94
CA GLY A 295 13.31 0.94 2.64
C GLY A 295 13.96 0.11 3.73
N THR A 296 15.07 0.62 4.24
CA THR A 296 15.79 -0.06 5.30
C THR A 296 14.93 -0.13 6.55
N PRO A 297 14.93 -1.24 7.28
CA PRO A 297 14.19 -1.29 8.54
C PRO A 297 14.69 -0.26 9.53
N ARG A 298 13.78 0.23 10.37
CA ARG A 298 14.09 1.34 11.26
C ARG A 298 15.23 1.00 12.22
N ASN A 299 15.18 -0.19 12.81
CA ASN A 299 16.19 -0.55 13.81
C ASN A 299 17.52 -0.86 13.16
N VAL A 300 17.51 -1.58 12.04
CA VAL A 300 18.74 -2.01 11.40
C VAL A 300 19.35 -0.85 10.61
N GLY A 301 20.64 -0.61 10.82
CA GLY A 301 21.34 0.46 10.14
C GLY A 301 22.21 -0.05 9.03
N PHE A 302 22.36 0.76 7.99
CA PHE A 302 23.18 0.39 6.84
C PHE A 302 24.64 0.24 7.23
N GLU A 303 25.18 1.24 7.93
CA GLU A 303 26.60 1.22 8.30
C GLU A 303 26.95 0.07 9.25
N PRO A 304 26.18 -0.23 10.31
CA PRO A 304 26.53 -1.39 11.13
C PRO A 304 26.57 -2.69 10.34
N VAL A 305 25.62 -2.91 9.44
CA VAL A 305 25.62 -4.14 8.64
C VAL A 305 26.80 -4.17 7.71
N ARG A 306 27.11 -3.04 7.06
CA ARG A 306 28.24 -3.01 6.15
C ARG A 306 29.55 -3.26 6.89
N ASP A 307 29.69 -2.68 8.09
CA ASP A 307 30.91 -2.91 8.86
C ASP A 307 31.01 -4.34 9.36
N THR A 308 29.87 -4.94 9.72
CA THR A 308 29.87 -6.35 10.10
C THR A 308 30.31 -7.22 8.94
N LEU A 309 29.80 -6.95 7.74
CA LEU A 309 30.16 -7.75 6.57
C LEU A 309 31.62 -7.55 6.20
N LEU A 310 32.13 -6.32 6.29
CA LEU A 310 33.51 -6.06 5.92
C LEU A 310 34.50 -6.55 6.96
N SER A 311 34.04 -6.82 8.18
CA SER A 311 34.93 -7.31 9.23
C SER A 311 35.19 -8.81 9.13
N VAL A 312 34.48 -9.52 8.28
CA VAL A 312 34.69 -10.96 8.12
C VAL A 312 36.07 -11.18 7.50
N PRO A 313 36.91 -12.05 8.07
CA PRO A 313 38.25 -12.26 7.51
C PRO A 313 38.20 -12.85 6.11
N GLY A 314 38.62 -12.07 5.11
CA GLY A 314 38.61 -12.47 3.71
C GLY A 314 37.85 -11.52 2.82
N VAL A 315 36.82 -10.85 3.35
CA VAL A 315 36.04 -9.91 2.57
C VAL A 315 36.85 -8.64 2.31
N ARG A 316 36.88 -8.19 1.07
CA ARG A 316 37.61 -6.99 0.68
C ARG A 316 36.72 -5.86 0.23
N ALA A 317 35.46 -6.12 -0.11
CA ALA A 317 34.56 -5.08 -0.57
C ALA A 317 33.11 -5.53 -0.47
N THR A 318 32.19 -4.63 -0.76
CA THR A 318 30.77 -4.94 -0.69
C THR A 318 30.02 -4.03 -1.65
N HIS A 319 29.07 -4.60 -2.38
CA HIS A 319 28.21 -3.82 -3.25
C HIS A 319 26.85 -4.49 -3.33
N GLU A 320 25.87 -3.72 -3.77
CA GLU A 320 24.49 -4.19 -3.88
C GLU A 320 23.98 -4.73 -2.55
N LEU A 321 24.31 -4.04 -1.48
CA LEU A 321 23.83 -4.40 -0.14
C LEU A 321 22.40 -3.89 0.00
N HIS A 322 21.45 -4.81 0.06
CA HIS A 322 20.04 -4.47 0.15
C HIS A 322 19.48 -4.93 1.50
N LEU A 323 18.85 -4.01 2.21
CA LEU A 323 18.18 -4.30 3.47
C LEU A 323 16.75 -3.81 3.38
N TRP A 324 15.80 -4.70 3.66
CA TRP A 324 14.40 -4.32 3.68
C TRP A 324 13.65 -5.29 4.58
N ALA A 325 12.43 -4.91 4.94
CA ALA A 325 11.63 -5.64 5.91
C ALA A 325 10.29 -6.01 5.30
N LEU A 326 9.91 -7.28 5.43
CA LEU A 326 8.55 -7.67 5.10
C LEU A 326 7.55 -7.05 6.06
N THR A 327 7.89 -7.01 7.35
CA THR A 327 7.05 -6.36 8.34
C THR A 327 7.97 -5.80 9.43
N LEU A 328 7.38 -5.39 10.55
CA LEU A 328 8.16 -4.80 11.63
C LEU A 328 9.15 -5.78 12.25
N THR A 329 8.90 -7.07 12.14
CA THR A 329 9.76 -8.07 12.77
C THR A 329 10.47 -8.98 11.77
N TYR A 330 10.06 -8.97 10.50
CA TYR A 330 10.65 -9.83 9.48
C TYR A 330 11.58 -8.99 8.61
N HIS A 331 12.88 -9.22 8.73
CA HIS A 331 13.89 -8.45 8.01
C HIS A 331 14.62 -9.36 7.03
N VAL A 332 14.89 -8.83 5.83
CA VAL A 332 15.60 -9.55 4.80
C VAL A 332 16.85 -8.78 4.44
N ALA A 333 17.89 -9.51 4.03
CA ALA A 333 19.16 -8.87 3.67
C ALA A 333 19.76 -9.59 2.47
N SER A 334 20.47 -8.82 1.65
CA SER A 334 21.23 -9.36 0.54
C SER A 334 22.46 -8.50 0.33
N ALA A 335 23.50 -9.09 -0.22
CA ALA A 335 24.74 -8.37 -0.46
C ALA A 335 25.62 -9.19 -1.39
N HIS A 336 26.52 -8.51 -2.07
CA HIS A 336 27.56 -9.14 -2.87
C HIS A 336 28.89 -8.90 -2.18
N LEU A 337 29.59 -9.98 -1.84
CA LEU A 337 30.84 -9.89 -1.11
C LEU A 337 31.99 -10.21 -2.05
N ALA A 338 32.94 -9.28 -2.17
CA ALA A 338 34.13 -9.48 -2.98
C ALA A 338 35.25 -9.92 -2.05
N ILE A 339 35.59 -11.20 -2.10
CA ILE A 339 36.54 -11.80 -1.18
C ILE A 339 37.91 -11.85 -1.83
N ASP A 340 38.94 -12.06 -1.00
CA ASP A 340 40.29 -12.18 -1.49
C ASP A 340 40.46 -13.47 -2.28
N SER A 341 41.49 -13.49 -3.13
CA SER A 341 41.79 -14.69 -3.90
C SER A 341 42.17 -15.85 -2.98
N THR A 342 42.95 -15.57 -1.93
CA THR A 342 43.36 -16.59 -0.98
C THR A 342 42.37 -16.65 0.19
N ALA A 343 41.12 -16.94 -0.14
CA ALA A 343 40.07 -17.06 0.85
C ALA A 343 39.18 -18.24 0.48
N ASP A 344 38.50 -18.78 1.49
CA ASP A 344 37.64 -19.93 1.29
C ASP A 344 36.21 -19.43 1.23
N PRO A 345 35.52 -19.53 0.09
CA PRO A 345 34.16 -18.98 0.00
C PRO A 345 33.19 -19.59 0.99
N GLU A 346 33.31 -20.89 1.28
CA GLU A 346 32.39 -21.52 2.21
C GLU A 346 32.55 -20.97 3.61
N ALA A 347 33.81 -20.83 4.07
CA ALA A 347 34.05 -20.30 5.41
C ALA A 347 33.58 -18.86 5.52
N VAL A 348 33.86 -18.04 4.50
CA VAL A 348 33.41 -16.65 4.51
C VAL A 348 31.90 -16.58 4.56
N LEU A 349 31.22 -17.39 3.75
CA LEU A 349 29.77 -17.38 3.72
C LEU A 349 29.19 -17.79 5.06
N ALA A 350 29.73 -18.86 5.65
CA ALA A 350 29.22 -19.34 6.93
C ALA A 350 29.42 -18.30 8.02
N GLU A 351 30.62 -17.70 8.08
CA GLU A 351 30.90 -16.72 9.11
C GLU A 351 30.03 -15.48 8.94
N ALA A 352 29.85 -15.00 7.71
CA ALA A 352 29.03 -13.82 7.49
C ALA A 352 27.57 -14.09 7.84
N SER A 353 27.06 -15.26 7.46
CA SER A 353 25.68 -15.60 7.79
C SER A 353 25.48 -15.68 9.29
N SER A 354 26.43 -16.33 9.99
CA SER A 354 26.31 -16.43 11.44
C SER A 354 26.36 -15.06 12.09
N ARG A 355 27.28 -14.20 11.65
CA ARG A 355 27.38 -12.87 12.22
C ARG A 355 26.11 -12.07 12.01
N LEU A 356 25.56 -12.11 10.79
CA LEU A 356 24.34 -11.37 10.52
C LEU A 356 23.18 -11.89 11.36
N TYR A 357 23.03 -13.21 11.44
CA TYR A 357 21.94 -13.78 12.21
C TYR A 357 22.06 -13.44 13.69
N SER A 358 23.27 -13.51 14.24
CA SER A 358 23.45 -13.24 15.66
C SER A 358 23.25 -11.76 15.98
N ARG A 359 23.87 -10.88 15.18
CA ARG A 359 23.83 -9.45 15.49
C ARG A 359 22.49 -8.82 15.18
N PHE A 360 21.88 -9.16 14.05
CA PHE A 360 20.69 -8.45 13.59
C PHE A 360 19.45 -9.31 13.47
N GLY A 361 19.58 -10.64 13.54
CA GLY A 361 18.43 -11.51 13.49
C GLY A 361 17.64 -11.42 12.20
N PHE A 362 18.34 -11.45 11.07
CA PHE A 362 17.67 -11.43 9.79
C PHE A 362 16.95 -12.76 9.54
N SER A 363 15.68 -12.68 9.17
CA SER A 363 14.93 -13.90 8.88
C SER A 363 15.45 -14.58 7.62
N SER A 364 15.80 -13.80 6.60
CA SER A 364 16.36 -14.32 5.37
C SER A 364 17.63 -13.55 5.04
N CYS A 365 18.63 -14.26 4.52
CA CYS A 365 19.91 -13.65 4.20
C CYS A 365 20.53 -14.40 3.03
N THR A 366 20.78 -13.69 1.93
CA THR A 366 21.40 -14.24 0.74
C THR A 366 22.64 -13.41 0.41
N LEU A 367 23.80 -14.06 0.42
CA LEU A 367 25.06 -13.39 0.16
C LEU A 367 25.73 -14.01 -1.05
N GLN A 368 26.06 -13.19 -2.03
CA GLN A 368 26.75 -13.63 -3.24
C GLN A 368 28.24 -13.39 -3.05
N VAL A 369 29.00 -14.47 -2.89
CA VAL A 369 30.44 -14.37 -2.66
C VAL A 369 31.13 -14.34 -4.02
N GLU A 370 31.61 -13.16 -4.41
CA GLU A 370 32.33 -12.95 -5.64
C GLU A 370 33.83 -12.96 -5.37
N GLN A 371 34.62 -12.76 -6.42
CA GLN A 371 36.06 -12.65 -6.33
C GLN A 371 36.46 -11.21 -6.58
N TYR A 372 37.32 -10.67 -5.72
CA TYR A 372 37.67 -9.25 -5.78
C TYR A 372 38.67 -9.05 -6.91
N GLN A 373 38.15 -8.74 -8.09
CA GLN A 373 39.02 -8.34 -9.19
C GLN A 373 39.53 -6.93 -8.95
N PRO A 374 40.69 -6.57 -9.52
CA PRO A 374 41.16 -5.19 -9.42
C PRO A 374 40.22 -4.18 -10.04
N GLU A 375 39.37 -4.61 -10.98
CA GLU A 375 38.40 -3.71 -11.62
C GLU A 375 37.16 -3.48 -10.77
N MET A 376 37.01 -4.20 -9.65
CA MET A 376 35.84 -4.02 -8.79
C MET A 376 35.80 -2.61 -8.21
N ALA A 377 36.96 -2.09 -7.79
CA ALA A 377 37.03 -0.77 -7.17
C ALA A 377 36.98 0.37 -8.20
N GLN A 378 36.63 0.08 -9.44
CA GLN A 378 36.53 1.10 -10.47
C GLN A 378 35.12 1.27 -11.03
N CYS A 379 34.28 0.23 -10.96
CA CYS A 379 32.94 0.33 -11.50
C CYS A 379 32.09 1.29 -10.67
N LEU A 380 31.30 2.10 -11.37
CA LEU A 380 30.42 3.05 -10.68
C LEU A 380 29.33 2.32 -9.91
N ARG A 381 28.81 1.23 -10.46
CA ARG A 381 27.73 0.48 -9.82
C ARG A 381 28.21 -0.36 -8.65
N CYS A 382 29.52 -0.53 -8.47
CA CYS A 382 30.07 -1.26 -7.34
C CYS A 382 30.40 -0.36 -6.17
N GLN A 383 29.79 0.82 -6.09
CA GLN A 383 30.05 1.79 -5.04
C GLN A 383 28.83 1.93 -4.14
N GLU A 384 29.07 1.98 -2.83
CA GLU A 384 27.99 2.11 -1.87
C GLU A 384 27.40 3.51 -1.91
N PRO A 385 26.14 3.65 -1.47
CA PRO A 385 25.53 4.98 -1.45
C PRO A 385 26.31 5.92 -0.54
N PRO A 386 26.33 7.21 -0.86
CA PRO A 386 27.09 8.16 -0.04
C PRO A 386 26.45 8.37 1.32
N GLN A 387 27.28 8.84 2.26
CA GLN A 387 26.82 9.08 3.62
C GLN A 387 25.72 10.14 3.63
N ALA A 388 24.75 9.95 4.50
CA ALA A 388 23.64 10.89 4.63
C ALA A 388 24.08 12.17 5.34
N HIS B 54 32.80 -10.13 -12.61
CA HIS B 54 32.24 -8.90 -12.07
C HIS B 54 30.72 -8.86 -12.28
N CYS B 55 29.98 -8.97 -11.18
CA CYS B 55 28.52 -8.86 -11.25
C CYS B 55 28.13 -7.46 -11.68
N HIS B 56 26.96 -7.36 -12.32
CA HIS B 56 26.36 -6.10 -12.75
C HIS B 56 27.24 -5.32 -13.73
N ARG B 57 28.37 -5.89 -14.13
CA ARG B 57 29.29 -5.20 -15.02
C ARG B 57 28.97 -5.39 -16.49
N ASP B 58 28.14 -6.38 -16.83
CA ASP B 58 27.77 -6.58 -18.22
C ASP B 58 27.01 -5.40 -18.81
N PRO B 59 25.96 -4.85 -18.16
CA PRO B 59 25.32 -3.65 -18.72
C PRO B 59 25.97 -2.37 -18.21
N LEU B 60 25.45 -1.21 -18.65
CA LEU B 60 25.95 0.07 -18.22
C LEU B 60 24.78 0.98 -17.85
N PRO B 61 24.96 1.83 -16.86
CA PRO B 61 23.88 2.75 -16.47
C PRO B 61 23.94 4.05 -17.25
N PRO B 62 22.85 4.44 -17.90
CA PRO B 62 22.85 5.70 -18.66
C PRO B 62 22.52 6.87 -17.74
N PRO B 63 23.43 7.82 -17.61
CA PRO B 63 23.18 9.00 -16.77
C PRO B 63 22.47 10.10 -17.54
N GLY B 64 22.05 11.12 -16.80
CA GLY B 64 21.37 12.25 -17.39
C GLY B 64 19.92 11.95 -17.74
N LEU B 65 19.34 12.84 -18.53
CA LEU B 65 17.95 12.73 -18.97
C LEU B 65 17.93 12.47 -20.47
N THR B 66 17.30 11.37 -20.87
CA THR B 66 17.21 11.05 -22.29
C THR B 66 16.31 12.04 -22.99
N PRO B 67 16.60 12.38 -24.26
CA PRO B 67 15.73 13.33 -24.98
C PRO B 67 14.29 12.86 -25.09
N GLU B 68 14.05 11.55 -25.23
CA GLU B 68 12.68 11.07 -25.33
C GLU B 68 11.93 11.23 -24.01
N ARG B 69 12.65 11.15 -22.88
CA ARG B 69 11.99 11.32 -21.59
C ARG B 69 11.53 12.75 -21.39
N LEU B 70 12.26 13.73 -21.93
CA LEU B 70 11.78 15.11 -21.90
C LEU B 70 10.47 15.24 -22.69
N HIS B 71 10.40 14.57 -23.85
CA HIS B 71 9.16 14.59 -24.62
C HIS B 71 8.02 13.93 -23.85
N ALA B 72 8.31 12.81 -23.18
CA ALA B 72 7.28 12.14 -22.38
C ALA B 72 6.79 13.04 -21.26
N ARG B 73 7.71 13.75 -20.60
CA ARG B 73 7.32 14.68 -19.56
C ARG B 73 6.46 15.81 -20.11
N ARG B 74 6.80 16.32 -21.29
CA ARG B 74 6.01 17.38 -21.90
C ARG B 74 4.61 16.89 -22.23
N GLN B 75 4.51 15.68 -22.78
CA GLN B 75 3.18 15.12 -23.09
C GLN B 75 2.36 14.94 -21.82
N LEU B 76 2.99 14.44 -20.76
CA LEU B 76 2.26 14.27 -19.50
C LEU B 76 1.81 15.61 -18.94
N TYR B 77 2.65 16.64 -19.02
CA TYR B 77 2.24 17.97 -18.58
C TYR B 77 1.04 18.48 -19.36
N ALA B 78 1.08 18.35 -20.69
CA ALA B 78 -0.02 18.84 -21.51
C ALA B 78 -1.30 18.08 -21.21
N ALA B 79 -1.20 16.75 -21.09
CA ALA B 79 -2.38 15.95 -20.81
C ALA B 79 -2.97 16.28 -19.45
N CYS B 80 -2.10 16.47 -18.45
CA CYS B 80 -2.59 16.85 -17.12
C CYS B 80 -3.28 18.21 -17.14
N ALA B 81 -2.72 19.17 -17.85
CA ALA B 81 -3.34 20.50 -17.93
C ALA B 81 -4.71 20.42 -18.59
N VAL B 82 -4.79 19.69 -19.72
CA VAL B 82 -6.05 19.58 -20.44
C VAL B 82 -7.10 18.88 -19.59
N CYS B 83 -6.73 17.76 -18.96
CA CYS B 83 -7.69 17.02 -18.15
C CYS B 83 -8.11 17.81 -16.92
N PHE B 84 -7.21 18.59 -16.32
CA PHE B 84 -7.59 19.41 -15.18
C PHE B 84 -8.58 20.50 -15.59
N VAL B 85 -8.33 21.14 -16.73
CA VAL B 85 -9.27 22.15 -17.20
C VAL B 85 -10.63 21.53 -17.48
N PHE B 86 -10.64 20.37 -18.13
CA PHE B 86 -11.89 19.67 -18.40
C PHE B 86 -12.62 19.32 -17.11
N MET B 87 -11.89 18.82 -16.11
CA MET B 87 -12.50 18.45 -14.85
C MET B 87 -13.10 19.67 -14.14
N ALA B 88 -12.37 20.78 -14.13
CA ALA B 88 -12.88 21.98 -13.48
C ALA B 88 -14.15 22.47 -14.18
N GLY B 89 -14.14 22.51 -15.52
CA GLY B 89 -15.32 22.94 -16.24
C GLY B 89 -16.51 22.03 -15.98
N GLU B 90 -16.28 20.72 -15.95
CA GLU B 90 -17.39 19.80 -15.73
C GLU B 90 -17.91 19.89 -14.31
N VAL B 91 -17.02 20.09 -13.33
CA VAL B 91 -17.48 20.28 -11.96
C VAL B 91 -18.35 21.52 -11.85
N VAL B 92 -17.92 22.63 -12.46
CA VAL B 92 -18.70 23.86 -12.41
C VAL B 92 -20.06 23.64 -13.06
N GLY B 93 -20.07 23.01 -14.24
CA GLY B 93 -21.33 22.79 -14.94
C GLY B 93 -22.29 21.88 -14.18
N GLY B 94 -21.77 20.79 -13.63
CA GLY B 94 -22.62 19.88 -12.88
C GLY B 94 -23.15 20.49 -11.60
N TYR B 95 -22.31 21.26 -10.90
CA TYR B 95 -22.79 21.97 -9.72
C TYR B 95 -23.88 22.95 -10.07
N LEU B 96 -23.72 23.67 -11.20
CA LEU B 96 -24.78 24.56 -11.64
C LEU B 96 -26.05 23.80 -12.00
N ALA B 97 -25.91 22.58 -12.51
CA ALA B 97 -27.05 21.79 -12.93
C ALA B 97 -27.58 20.85 -11.85
N HIS B 98 -26.91 20.78 -10.69
CA HIS B 98 -27.30 19.86 -9.61
C HIS B 98 -27.37 18.42 -10.09
N SER B 99 -26.46 18.06 -11.00
CA SER B 99 -26.46 16.74 -11.61
C SER B 99 -25.39 15.86 -10.98
N LEU B 100 -25.69 14.56 -10.90
CA LEU B 100 -24.75 13.60 -10.35
C LEU B 100 -24.02 12.80 -11.42
N ALA B 101 -24.60 12.65 -12.61
CA ALA B 101 -23.89 12.01 -13.71
C ALA B 101 -22.67 12.83 -14.11
N ILE B 102 -22.82 14.17 -14.15
CA ILE B 102 -21.69 15.03 -14.44
C ILE B 102 -20.66 14.95 -13.33
N MET B 103 -21.10 14.78 -12.08
CA MET B 103 -20.17 14.46 -11.01
C MET B 103 -19.41 13.17 -11.27
N THR B 104 -20.09 12.16 -11.82
CA THR B 104 -19.39 10.91 -12.13
C THR B 104 -18.33 11.12 -13.20
N ASP B 105 -18.68 11.87 -14.26
CA ASP B 105 -17.69 12.14 -15.31
C ASP B 105 -16.52 12.96 -14.76
N ALA B 106 -16.80 13.95 -13.93
CA ALA B 106 -15.74 14.76 -13.33
C ALA B 106 -14.88 13.92 -12.40
N ALA B 107 -15.48 12.96 -11.70
CA ALA B 107 -14.70 12.06 -10.85
C ALA B 107 -13.79 11.18 -11.70
N HIS B 108 -14.28 10.72 -12.86
CA HIS B 108 -13.40 9.96 -13.75
C HIS B 108 -12.25 10.82 -14.24
N LEU B 109 -12.53 12.08 -14.59
CA LEU B 109 -11.46 12.98 -15.01
C LEU B 109 -10.46 13.22 -13.88
N LEU B 110 -10.96 13.32 -12.64
CA LEU B 110 -10.09 13.45 -11.49
C LEU B 110 -9.20 12.23 -11.33
N ALA B 111 -9.76 11.04 -11.56
CA ALA B 111 -8.96 9.82 -11.52
C ALA B 111 -7.88 9.83 -12.58
N ASP B 112 -8.23 10.27 -13.80
CA ASP B 112 -7.24 10.38 -14.86
C ASP B 112 -6.12 11.34 -14.49
N VAL B 113 -6.50 12.50 -13.96
CA VAL B 113 -5.52 13.51 -13.55
C VAL B 113 -4.61 12.96 -12.45
N GLY B 114 -5.20 12.28 -11.47
CA GLY B 114 -4.41 11.72 -10.38
C GLY B 114 -3.45 10.66 -10.86
N SER B 115 -3.90 9.80 -11.78
CA SER B 115 -3.01 8.79 -12.32
C SER B 115 -1.85 9.41 -13.08
N MET B 116 -2.13 10.43 -13.90
CA MET B 116 -1.06 11.06 -14.65
C MET B 116 -0.10 11.81 -13.73
N MET B 117 -0.62 12.45 -12.70
CA MET B 117 0.23 13.16 -11.75
C MET B 117 1.09 12.19 -10.95
N GLY B 118 0.53 11.05 -10.56
CA GLY B 118 1.34 10.03 -9.92
C GLY B 118 2.42 9.49 -10.83
N SER B 119 2.10 9.31 -12.11
CA SER B 119 3.11 8.89 -13.06
C SER B 119 4.23 9.92 -13.19
N LEU B 120 3.87 11.19 -13.24
CA LEU B 120 4.88 12.26 -13.32
C LEU B 120 5.74 12.28 -12.06
N PHE B 121 5.12 12.15 -10.89
CA PHE B 121 5.88 12.15 -9.65
C PHE B 121 6.81 10.95 -9.56
N SER B 122 6.34 9.77 -9.99
CA SER B 122 7.21 8.60 -10.00
C SER B 122 8.36 8.77 -10.99
N LEU B 123 8.08 9.38 -12.14
CA LEU B 123 9.14 9.62 -13.12
C LEU B 123 10.19 10.56 -12.56
N TRP B 124 9.77 11.61 -11.85
CA TRP B 124 10.73 12.51 -11.22
C TRP B 124 11.50 11.81 -10.12
N LEU B 125 10.83 10.98 -9.32
CA LEU B 125 11.49 10.31 -8.20
C LEU B 125 12.48 9.26 -8.67
N SER B 126 12.18 8.57 -9.77
CA SER B 126 13.04 7.50 -10.23
C SER B 126 14.23 8.06 -10.99
N THR B 127 14.84 9.10 -10.45
CA THR B 127 16.12 9.61 -10.93
C THR B 127 17.11 9.89 -9.82
N ARG B 128 16.68 9.91 -8.56
CA ARG B 128 17.61 10.11 -7.46
C ARG B 128 18.38 8.82 -7.20
N PRO B 129 19.65 8.93 -6.82
CA PRO B 129 20.42 7.72 -6.50
C PRO B 129 19.90 7.04 -5.25
N ALA B 130 20.12 5.74 -5.17
CA ALA B 130 19.73 4.99 -3.98
C ALA B 130 20.51 5.48 -2.77
N THR B 131 19.82 5.67 -1.66
CA THR B 131 20.42 6.15 -0.43
C THR B 131 20.68 4.99 0.51
N ARG B 132 21.21 5.31 1.69
CA ARG B 132 21.47 4.28 2.69
C ARG B 132 20.20 3.84 3.41
N THR B 133 19.12 4.60 3.29
CA THR B 133 17.83 4.19 3.85
C THR B 133 16.89 3.63 2.80
N MET B 134 17.17 3.85 1.52
CA MET B 134 16.38 3.31 0.41
C MET B 134 17.38 2.64 -0.53
N THR B 135 17.70 1.38 -0.23
CA THR B 135 18.76 0.69 -0.96
C THR B 135 18.36 0.35 -2.38
N PHE B 136 17.08 0.03 -2.60
CA PHE B 136 16.62 -0.35 -3.93
C PHE B 136 16.34 0.84 -4.83
N GLY B 137 16.25 2.04 -4.28
CA GLY B 137 15.89 3.21 -5.06
C GLY B 137 14.51 3.72 -4.70
N TRP B 138 13.82 4.31 -5.66
CA TRP B 138 12.49 4.87 -5.42
C TRP B 138 11.48 4.34 -6.42
N HIS B 139 11.68 3.12 -6.91
CA HIS B 139 10.81 2.57 -7.94
C HIS B 139 9.44 2.18 -7.39
N ARG B 140 9.34 1.89 -6.08
CA ARG B 140 8.06 1.55 -5.48
C ARG B 140 7.10 2.72 -5.44
N SER B 141 7.59 3.94 -5.71
CA SER B 141 6.71 5.11 -5.72
C SER B 141 5.65 5.00 -6.78
N GLU B 142 5.96 4.38 -7.91
CA GLU B 142 4.97 4.21 -8.98
C GLU B 142 3.81 3.34 -8.50
N THR B 143 4.13 2.21 -7.87
CA THR B 143 3.09 1.33 -7.35
C THR B 143 2.29 2.04 -6.25
N LEU B 144 2.97 2.78 -5.38
CA LEU B 144 2.25 3.48 -4.32
C LEU B 144 1.33 4.55 -4.89
N GLY B 145 1.77 5.24 -5.94
CA GLY B 145 0.90 6.23 -6.58
C GLY B 145 -0.30 5.60 -7.25
N ALA B 146 -0.09 4.44 -7.90
CA ALA B 146 -1.23 3.73 -8.49
C ALA B 146 -2.23 3.32 -7.42
N LEU B 147 -1.74 2.82 -6.28
CA LEU B 147 -2.64 2.46 -5.19
C LEU B 147 -3.38 3.67 -4.66
N ALA B 148 -2.68 4.80 -4.52
CA ALA B 148 -3.32 6.02 -4.04
C ALA B 148 -4.41 6.48 -5.00
N SER B 149 -4.15 6.41 -6.30
CA SER B 149 -5.17 6.79 -7.28
C SER B 149 -6.39 5.88 -7.19
N VAL B 150 -6.16 4.58 -7.04
CA VAL B 150 -7.28 3.64 -6.91
C VAL B 150 -8.10 3.95 -5.66
N VAL B 151 -7.42 4.22 -4.55
CA VAL B 151 -8.12 4.51 -3.30
C VAL B 151 -8.93 5.78 -3.40
N SER B 152 -8.36 6.82 -4.03
CA SER B 152 -9.09 8.07 -4.19
C SER B 152 -10.32 7.87 -5.09
N LEU B 153 -10.17 7.09 -6.15
CA LEU B 153 -11.31 6.79 -7.01
C LEU B 153 -12.39 6.08 -6.22
N TRP B 154 -12.01 5.11 -5.38
CA TRP B 154 -13.00 4.42 -4.55
C TRP B 154 -13.70 5.39 -3.60
N MET B 155 -12.94 6.31 -3.01
CA MET B 155 -13.54 7.29 -2.11
C MET B 155 -14.60 8.12 -2.82
N VAL B 156 -14.24 8.71 -3.96
CA VAL B 156 -15.16 9.60 -4.66
C VAL B 156 -16.36 8.81 -5.18
N THR B 157 -16.13 7.59 -5.67
CA THR B 157 -17.21 6.76 -6.16
C THR B 157 -18.17 6.40 -5.05
N GLY B 158 -17.66 6.08 -3.86
CA GLY B 158 -18.53 5.79 -2.74
C GLY B 158 -19.36 6.98 -2.31
N ILE B 159 -18.75 8.17 -2.29
CA ILE B 159 -19.50 9.37 -1.94
C ILE B 159 -20.61 9.60 -2.95
N LEU B 160 -20.30 9.46 -4.24
CA LEU B 160 -21.31 9.66 -5.28
C LEU B 160 -22.41 8.61 -5.20
N LEU B 161 -22.06 7.37 -4.90
CA LEU B 161 -23.05 6.32 -4.79
C LEU B 161 -23.98 6.57 -3.61
N TYR B 162 -23.44 7.02 -2.48
CA TYR B 162 -24.29 7.36 -1.34
C TYR B 162 -25.23 8.51 -1.70
N LEU B 163 -24.71 9.53 -2.39
CA LEU B 163 -25.56 10.65 -2.78
C LEU B 163 -26.68 10.19 -3.71
N ALA B 164 -26.35 9.34 -4.67
CA ALA B 164 -27.37 8.83 -5.59
C ALA B 164 -28.41 8.00 -4.87
N PHE B 165 -27.97 7.16 -3.93
CA PHE B 165 -28.92 6.35 -3.16
C PHE B 165 -29.85 7.23 -2.33
N VAL B 166 -29.31 8.28 -1.72
CA VAL B 166 -30.15 9.20 -0.97
C VAL B 166 -31.12 9.92 -1.91
N ARG B 167 -30.67 10.22 -3.13
CA ARG B 167 -31.55 10.86 -4.10
C ARG B 167 -32.70 9.94 -4.49
N LEU B 168 -32.43 8.64 -4.64
CA LEU B 168 -33.43 7.73 -5.17
C LEU B 168 -34.62 7.59 -4.23
N LEU B 169 -34.38 7.48 -2.93
CA LEU B 169 -35.43 7.34 -1.93
C LEU B 169 -35.44 8.57 -1.03
N HIS B 170 -36.64 9.11 -0.78
CA HIS B 170 -36.84 10.52 -0.49
C HIS B 170 -36.30 11.38 -1.64
N SER B 171 -36.96 11.22 -2.78
CA SER B 171 -36.55 11.88 -4.02
C SER B 171 -36.90 13.37 -3.92
N ASP B 172 -36.07 14.10 -3.20
CA ASP B 172 -36.23 15.54 -3.01
C ASP B 172 -35.02 16.23 -3.64
N TYR B 173 -35.13 16.54 -4.93
CA TYR B 173 -34.07 17.23 -5.65
C TYR B 173 -34.64 17.73 -6.96
N HIS B 174 -34.08 18.84 -7.45
CA HIS B 174 -34.44 19.41 -8.73
C HIS B 174 -33.21 19.50 -9.60
N ILE B 175 -33.35 19.17 -10.88
CA ILE B 175 -32.25 19.15 -11.84
C ILE B 175 -32.58 20.14 -12.94
N GLU B 176 -31.69 21.11 -13.15
CA GLU B 176 -31.85 22.09 -14.21
C GLU B 176 -31.55 21.42 -15.55
N GLY B 177 -32.58 21.26 -16.38
CA GLY B 177 -32.39 20.55 -17.63
C GLY B 177 -31.47 21.29 -18.59
N GLY B 178 -31.63 22.60 -18.69
CA GLY B 178 -30.82 23.36 -19.63
C GLY B 178 -29.34 23.34 -19.28
N ALA B 179 -29.03 23.56 -18.00
CA ALA B 179 -27.63 23.56 -17.58
C ALA B 179 -26.99 22.19 -17.77
N MET B 180 -27.72 21.13 -17.40
CA MET B 180 -27.18 19.79 -17.54
C MET B 180 -26.96 19.43 -19.01
N LEU B 181 -27.93 19.78 -19.87
CA LEU B 181 -27.77 19.51 -21.30
C LEU B 181 -26.60 20.29 -21.88
N LEU B 182 -26.45 21.55 -21.50
CA LEU B 182 -25.33 22.35 -22.01
C LEU B 182 -23.99 21.76 -21.55
N THR B 183 -23.89 21.38 -20.27
CA THR B 183 -22.65 20.82 -19.78
C THR B 183 -22.32 19.50 -20.47
N ALA B 184 -23.34 18.66 -20.68
CA ALA B 184 -23.11 17.38 -21.35
C ALA B 184 -22.67 17.58 -22.79
N SER B 185 -23.30 18.53 -23.50
CA SER B 185 -22.90 18.82 -24.87
C SER B 185 -21.47 19.34 -24.92
N ILE B 186 -21.11 20.22 -23.98
CA ILE B 186 -19.75 20.75 -23.93
C ILE B 186 -18.76 19.62 -23.67
N ALA B 187 -19.09 18.71 -22.77
CA ALA B 187 -18.20 17.60 -22.47
C ALA B 187 -18.03 16.68 -23.68
N VAL B 188 -19.12 16.40 -24.38
CA VAL B 188 -19.04 15.54 -25.57
C VAL B 188 -18.18 16.21 -26.63
N CYS B 189 -18.37 17.51 -26.85
CA CYS B 189 -17.57 18.23 -27.84
C CYS B 189 -16.10 18.24 -27.45
N ALA B 190 -15.81 18.42 -26.16
CA ALA B 190 -14.42 18.42 -25.71
C ALA B 190 -13.79 17.06 -25.91
N ASN B 191 -14.52 15.98 -25.63
CA ASN B 191 -13.98 14.64 -25.86
C ASN B 191 -13.73 14.40 -27.35
N LEU B 192 -14.66 14.84 -28.20
CA LEU B 192 -14.46 14.69 -29.64
C LEU B 192 -13.23 15.47 -30.11
N LEU B 193 -13.05 16.70 -29.61
CA LEU B 193 -11.89 17.49 -29.99
C LEU B 193 -10.60 16.83 -29.53
N MET B 194 -10.59 16.30 -28.31
CA MET B 194 -9.41 15.61 -27.82
C MET B 194 -9.09 14.39 -28.67
N ALA B 195 -10.12 13.61 -29.04
CA ALA B 195 -9.89 12.44 -29.89
C ALA B 195 -9.35 12.85 -31.25
N PHE B 196 -9.90 13.91 -31.84
CA PHE B 196 -9.41 14.38 -33.14
C PHE B 196 -7.96 14.84 -33.04
N VAL B 197 -7.61 15.57 -31.99
CA VAL B 197 -6.24 16.04 -31.82
C VAL B 197 -5.30 14.86 -31.64
N LEU B 198 -5.69 13.87 -30.85
CA LEU B 198 -4.84 12.72 -30.65
C LEU B 198 -4.66 11.92 -31.94
N HIS B 199 -5.73 11.78 -32.73
CA HIS B 199 -5.60 11.09 -34.01
C HIS B 199 -4.67 11.85 -34.95
N GLN B 200 -4.76 13.18 -34.96
CA GLN B 200 -3.86 13.97 -35.80
C GLN B 200 -2.42 13.81 -35.35
N ALA B 201 -2.18 13.80 -34.04
CA ALA B 201 -0.84 13.64 -33.51
C ALA B 201 -0.54 12.17 -33.23
N THR B 230 1.63 3.64 -29.10
CA THR B 230 2.38 3.96 -27.89
C THR B 230 1.53 4.76 -26.92
N SER B 231 2.13 5.79 -26.33
CA SER B 231 1.41 6.64 -25.39
C SER B 231 0.27 7.38 -26.08
N VAL B 232 0.51 7.85 -27.30
CA VAL B 232 -0.53 8.57 -28.03
C VAL B 232 -1.71 7.64 -28.34
N ARG B 233 -1.41 6.41 -28.77
CA ARG B 233 -2.49 5.46 -29.05
C ARG B 233 -3.25 5.09 -27.78
N ALA B 234 -2.53 4.92 -26.67
CA ALA B 234 -3.21 4.65 -25.40
C ALA B 234 -4.11 5.80 -25.01
N ALA B 235 -3.64 7.04 -25.16
CA ALA B 235 -4.48 8.19 -24.90
C ALA B 235 -5.68 8.22 -25.82
N PHE B 236 -5.49 7.81 -27.07
CA PHE B 236 -6.59 7.81 -28.04
C PHE B 236 -7.69 6.84 -27.62
N VAL B 237 -7.31 5.61 -27.25
CA VAL B 237 -8.34 4.65 -26.85
C VAL B 237 -8.99 5.05 -25.53
N HIS B 238 -8.20 5.62 -24.60
CA HIS B 238 -8.77 6.11 -23.35
C HIS B 238 -9.77 7.23 -23.62
N VAL B 239 -9.45 8.13 -24.55
CA VAL B 239 -10.37 9.21 -24.88
C VAL B 239 -11.61 8.67 -25.57
N LEU B 240 -11.47 7.60 -26.36
CA LEU B 240 -12.66 6.98 -26.95
C LEU B 240 -13.59 6.43 -25.86
N GLY B 241 -13.03 5.78 -24.86
CA GLY B 241 -13.86 5.32 -23.74
C GLY B 241 -14.50 6.47 -22.99
N ASP B 242 -13.71 7.52 -22.71
CA ASP B 242 -14.26 8.73 -22.10
C ASP B 242 -15.42 9.28 -22.93
N LEU B 243 -15.28 9.26 -24.26
CA LEU B 243 -16.31 9.79 -25.13
C LEU B 243 -17.57 8.94 -25.09
N LEU B 244 -17.42 7.62 -24.98
CA LEU B 244 -18.59 6.76 -24.84
C LEU B 244 -19.34 7.08 -23.55
N GLN B 245 -18.61 7.24 -22.44
CA GLN B 245 -19.25 7.61 -21.19
C GLN B 245 -19.94 8.97 -21.29
N SER B 246 -19.29 9.92 -21.95
CA SER B 246 -19.88 11.24 -22.13
C SER B 246 -21.13 11.18 -22.98
N PHE B 247 -21.15 10.29 -23.98
CA PHE B 247 -22.34 10.10 -24.78
C PHE B 247 -23.48 9.55 -23.95
N GLY B 248 -23.18 8.61 -23.05
CA GLY B 248 -24.22 8.13 -22.14
C GLY B 248 -24.78 9.23 -21.26
N VAL B 249 -23.89 10.05 -20.70
CA VAL B 249 -24.34 11.17 -19.85
C VAL B 249 -25.17 12.15 -20.67
N LEU B 250 -24.77 12.40 -21.92
CA LEU B 250 -25.52 13.32 -22.77
C LEU B 250 -26.90 12.76 -23.09
N ALA B 251 -27.01 11.45 -23.32
CA ALA B 251 -28.32 10.85 -23.54
C ALA B 251 -29.21 11.01 -22.32
N ALA B 252 -28.65 10.79 -21.12
CA ALA B 252 -29.43 10.96 -19.90
C ALA B 252 -29.88 12.42 -19.76
N SER B 253 -28.99 13.37 -20.05
CA SER B 253 -29.35 14.78 -19.93
C SER B 253 -30.41 15.18 -20.95
N ILE B 254 -30.32 14.63 -22.17
CA ILE B 254 -31.33 14.89 -23.19
C ILE B 254 -32.69 14.38 -22.73
N LEU B 255 -32.72 13.17 -22.15
CA LEU B 255 -33.97 12.63 -21.66
C LEU B 255 -34.54 13.49 -20.54
N ILE B 256 -33.70 13.94 -19.62
CA ILE B 256 -34.19 14.74 -18.50
C ILE B 256 -34.70 16.10 -18.98
N TYR B 257 -33.99 16.72 -19.92
CA TYR B 257 -34.33 18.07 -20.35
C TYR B 257 -35.71 18.13 -21.00
N PHE B 258 -36.01 17.17 -21.87
CA PHE B 258 -37.30 17.20 -22.58
C PHE B 258 -38.44 16.72 -21.68
N LYS B 259 -38.17 15.74 -20.82
CA LYS B 259 -39.16 15.18 -19.91
C LYS B 259 -38.66 15.39 -18.49
N PRO B 260 -39.00 16.51 -17.85
CA PRO B 260 -38.48 16.78 -16.50
C PRO B 260 -38.94 15.79 -15.47
N GLN B 261 -40.01 15.04 -15.72
CA GLN B 261 -40.51 14.08 -14.74
C GLN B 261 -39.55 12.91 -14.55
N TYR B 262 -38.64 12.69 -15.48
CA TYR B 262 -37.69 11.57 -15.38
C TYR B 262 -36.38 12.00 -14.72
N LYS B 263 -36.47 12.61 -13.53
CA LYS B 263 -35.27 12.99 -12.82
C LYS B 263 -34.46 11.78 -12.37
N ALA B 264 -35.10 10.61 -12.27
CA ALA B 264 -34.42 9.42 -11.79
C ALA B 264 -33.34 8.92 -12.74
N ALA B 265 -33.28 9.45 -13.96
CA ALA B 265 -32.24 9.03 -14.90
C ALA B 265 -30.85 9.46 -14.45
N ASP B 266 -30.76 10.46 -13.58
CA ASP B 266 -29.46 10.92 -13.11
C ASP B 266 -28.88 9.98 -12.06
N PRO B 267 -29.60 9.64 -10.98
CA PRO B 267 -29.03 8.67 -10.03
C PRO B 267 -28.79 7.30 -10.65
N ILE B 268 -29.65 6.87 -11.58
CA ILE B 268 -29.46 5.57 -12.23
C ILE B 268 -28.19 5.57 -13.05
N SER B 269 -27.96 6.64 -13.82
CA SER B 269 -26.74 6.75 -14.59
C SER B 269 -25.52 6.81 -13.68
N THR B 270 -25.64 7.52 -12.55
CA THR B 270 -24.54 7.56 -11.59
C THR B 270 -24.22 6.17 -11.08
N PHE B 271 -25.24 5.39 -10.75
CA PHE B 271 -25.02 4.03 -10.28
C PHE B 271 -24.32 3.18 -11.34
N LEU B 272 -24.83 3.23 -12.57
CA LEU B 272 -24.25 2.40 -13.63
C LEU B 272 -22.80 2.77 -13.87
N PHE B 273 -22.50 4.06 -13.96
CA PHE B 273 -21.13 4.48 -14.25
C PHE B 273 -20.20 4.22 -13.06
N SER B 274 -20.71 4.32 -11.83
CA SER B 274 -19.88 4.01 -10.67
C SER B 274 -19.52 2.52 -10.63
N ILE B 275 -20.50 1.65 -10.89
CA ILE B 275 -20.21 0.22 -10.96
C ILE B 275 -19.21 -0.06 -12.08
N CYS B 276 -19.37 0.59 -13.23
CA CYS B 276 -18.41 0.41 -14.31
C CYS B 276 -17.01 0.86 -13.91
N ALA B 277 -16.91 1.99 -13.20
CA ALA B 277 -15.61 2.48 -12.77
C ALA B 277 -14.95 1.52 -11.79
N LEU B 278 -15.71 0.99 -10.83
CA LEU B 278 -15.14 0.05 -9.87
C LEU B 278 -14.70 -1.24 -10.56
N GLY B 279 -15.51 -1.74 -11.48
CA GLY B 279 -15.12 -2.92 -12.23
C GLY B 279 -13.86 -2.70 -13.05
N SER B 280 -13.71 -1.50 -13.62
CA SER B 280 -12.50 -1.19 -14.37
C SER B 280 -11.29 -1.05 -13.46
N THR B 281 -11.48 -0.55 -12.24
CA THR B 281 -10.36 -0.36 -11.34
C THR B 281 -9.95 -1.63 -10.61
N ALA B 282 -10.79 -2.66 -10.61
CA ALA B 282 -10.43 -3.91 -9.93
C ALA B 282 -9.13 -4.53 -10.42
N PRO B 283 -8.88 -4.70 -11.73
CA PRO B 283 -7.62 -5.36 -12.15
C PRO B 283 -6.37 -4.64 -11.71
N THR B 284 -6.36 -3.30 -11.78
CA THR B 284 -5.18 -2.56 -11.34
C THR B 284 -4.94 -2.74 -9.86
N LEU B 285 -6.02 -2.77 -9.07
CA LEU B 285 -5.88 -3.02 -7.64
C LEU B 285 -5.31 -4.41 -7.39
N ARG B 286 -5.76 -5.41 -8.16
CA ARG B 286 -5.22 -6.76 -8.00
C ARG B 286 -3.73 -6.79 -8.30
N ASP B 287 -3.32 -6.15 -9.40
CA ASP B 287 -1.90 -6.13 -9.75
C ASP B 287 -1.07 -5.41 -8.71
N VAL B 288 -1.56 -4.26 -8.23
CA VAL B 288 -0.83 -3.50 -7.22
C VAL B 288 -0.70 -4.31 -5.94
N LEU B 289 -1.77 -4.99 -5.52
CA LEU B 289 -1.70 -5.81 -4.32
C LEU B 289 -0.71 -6.95 -4.49
N ARG B 290 -0.70 -7.58 -5.66
CA ARG B 290 0.26 -8.66 -5.89
C ARG B 290 1.68 -8.15 -5.81
N ILE B 291 1.95 -6.97 -6.37
CA ILE B 291 3.30 -6.40 -6.29
C ILE B 291 3.66 -6.08 -4.85
N LEU B 292 2.73 -5.46 -4.11
CA LEU B 292 3.04 -4.99 -2.76
C LEU B 292 3.19 -6.14 -1.78
N MET B 293 2.48 -7.23 -1.96
CA MET B 293 2.58 -8.37 -1.06
C MET B 293 3.83 -9.20 -1.30
N GLU B 294 4.77 -8.69 -2.08
CA GLU B 294 6.02 -9.39 -2.37
C GLU B 294 5.77 -10.72 -3.08
N GLY B 295 4.83 -10.71 -4.02
CA GLY B 295 4.55 -11.88 -4.80
C GLY B 295 5.36 -11.96 -6.07
N THR B 296 5.32 -13.12 -6.71
CA THR B 296 6.04 -13.32 -7.95
C THR B 296 5.50 -12.40 -9.04
N PRO B 297 6.36 -11.82 -9.87
CA PRO B 297 5.85 -11.00 -10.98
C PRO B 297 4.98 -11.82 -11.93
N ARG B 298 4.01 -11.15 -12.54
CA ARG B 298 3.01 -11.84 -13.33
C ARG B 298 3.64 -12.57 -14.52
N ASN B 299 4.57 -11.92 -15.22
CA ASN B 299 5.14 -12.54 -16.41
C ASN B 299 6.12 -13.65 -16.04
N VAL B 300 6.93 -13.43 -15.02
CA VAL B 300 7.97 -14.38 -14.65
C VAL B 300 7.36 -15.54 -13.87
N GLY B 301 7.67 -16.76 -14.28
CA GLY B 301 7.16 -17.95 -13.63
C GLY B 301 8.19 -18.60 -12.73
N PHE B 302 7.71 -19.20 -11.64
CA PHE B 302 8.60 -19.87 -10.71
C PHE B 302 9.30 -21.06 -11.36
N GLU B 303 8.53 -21.92 -12.01
CA GLU B 303 9.10 -23.12 -12.62
C GLU B 303 10.10 -22.81 -13.73
N PRO B 304 9.83 -21.89 -14.67
CA PRO B 304 10.87 -21.59 -15.67
C PRO B 304 12.18 -21.10 -15.06
N VAL B 305 12.11 -20.26 -14.03
CA VAL B 305 13.33 -19.77 -13.39
C VAL B 305 14.05 -20.90 -12.68
N ARG B 306 13.30 -21.76 -11.98
CA ARG B 306 13.93 -22.87 -11.28
C ARG B 306 14.59 -23.83 -12.26
N ASP B 307 13.94 -24.09 -13.40
CA ASP B 307 14.52 -24.99 -14.39
C ASP B 307 15.74 -24.35 -15.06
N THR B 308 15.71 -23.04 -15.27
CA THR B 308 16.88 -22.36 -15.80
C THR B 308 18.06 -22.46 -14.83
N LEU B 309 17.79 -22.26 -13.54
CA LEU B 309 18.86 -22.35 -12.55
C LEU B 309 19.40 -23.76 -12.42
N LEU B 310 18.52 -24.76 -12.46
CA LEU B 310 18.96 -26.14 -12.31
C LEU B 310 19.65 -26.67 -13.55
N SER B 311 19.48 -26.01 -14.70
CA SER B 311 20.12 -26.46 -15.94
C SER B 311 21.57 -26.02 -16.05
N VAL B 312 22.02 -25.14 -15.17
CA VAL B 312 23.42 -24.70 -15.20
C VAL B 312 24.33 -25.88 -14.87
N PRO B 313 25.36 -26.16 -15.66
CA PRO B 313 26.23 -27.31 -15.37
C PRO B 313 26.98 -27.14 -14.07
N GLY B 314 26.65 -27.99 -13.09
CA GLY B 314 27.25 -27.93 -11.76
C GLY B 314 26.22 -27.78 -10.65
N VAL B 315 25.10 -27.13 -10.92
CA VAL B 315 24.08 -26.93 -9.90
C VAL B 315 23.36 -28.25 -9.65
N ARG B 316 23.25 -28.63 -8.38
CA ARG B 316 22.59 -29.86 -7.99
C ARG B 316 21.20 -29.66 -7.42
N ALA B 317 20.97 -28.58 -6.69
CA ALA B 317 19.68 -28.33 -6.07
C ALA B 317 19.47 -26.82 -5.96
N THR B 318 18.35 -26.42 -5.38
CA THR B 318 18.01 -25.02 -5.23
C THR B 318 17.04 -24.87 -4.07
N HIS B 319 17.26 -23.84 -3.26
CA HIS B 319 16.36 -23.54 -2.17
C HIS B 319 16.34 -22.04 -1.96
N GLU B 320 15.30 -21.56 -1.27
CA GLU B 320 15.13 -20.15 -0.96
C GLU B 320 15.13 -19.30 -2.23
N LEU B 321 14.47 -19.79 -3.27
CA LEU B 321 14.34 -19.04 -4.51
C LEU B 321 13.24 -18.00 -4.34
N HIS B 322 13.62 -16.73 -4.34
CA HIS B 322 12.69 -15.62 -4.14
C HIS B 322 12.62 -14.79 -5.40
N LEU B 323 11.39 -14.55 -5.88
CA LEU B 323 11.15 -13.70 -7.03
C LEU B 323 10.11 -12.67 -6.65
N TRP B 324 10.43 -11.39 -6.85
CA TRP B 324 9.47 -10.33 -6.58
C TRP B 324 9.84 -9.12 -7.43
N ALA B 325 8.90 -8.19 -7.53
CA ALA B 325 9.03 -7.05 -8.42
C ALA B 325 8.86 -5.75 -7.63
N LEU B 326 9.79 -4.81 -7.84
CA LEU B 326 9.60 -3.47 -7.32
C LEU B 326 8.44 -2.78 -8.02
N THR B 327 8.34 -2.95 -9.34
CA THR B 327 7.22 -2.42 -10.11
C THR B 327 6.96 -3.37 -11.26
N LEU B 328 6.12 -2.93 -12.22
CA LEU B 328 5.75 -3.79 -13.34
C LEU B 328 6.93 -4.11 -14.23
N THR B 329 8.00 -3.32 -14.20
CA THR B 329 9.16 -3.53 -15.06
C THR B 329 10.44 -3.84 -14.31
N TYR B 330 10.48 -3.63 -12.99
CA TYR B 330 11.68 -3.87 -12.18
C TYR B 330 11.48 -5.17 -11.41
N HIS B 331 12.25 -6.19 -11.78
CA HIS B 331 12.15 -7.51 -11.16
C HIS B 331 13.43 -7.85 -10.43
N VAL B 332 13.28 -8.46 -9.25
CA VAL B 332 14.41 -8.87 -8.43
C VAL B 332 14.35 -10.38 -8.25
N ALA B 333 15.51 -10.99 -8.08
CA ALA B 333 15.58 -12.43 -7.89
C ALA B 333 16.68 -12.77 -6.89
N SER B 334 16.45 -13.86 -6.16
CA SER B 334 17.44 -14.39 -5.23
C SER B 334 17.25 -15.90 -5.16
N ALA B 335 18.34 -16.60 -4.87
CA ALA B 335 18.28 -18.06 -4.77
C ALA B 335 19.56 -18.55 -4.11
N HIS B 336 19.48 -19.76 -3.57
CA HIS B 336 20.63 -20.48 -3.06
C HIS B 336 20.88 -21.66 -3.99
N LEU B 337 22.09 -21.74 -4.54
CA LEU B 337 22.46 -22.80 -5.48
C LEU B 337 23.39 -23.76 -4.77
N ALA B 338 22.98 -25.02 -4.65
CA ALA B 338 23.80 -26.08 -4.09
C ALA B 338 24.53 -26.75 -5.24
N ILE B 339 25.81 -26.46 -5.38
CA ILE B 339 26.60 -26.94 -6.51
C ILE B 339 27.35 -28.20 -6.10
N ASP B 340 27.82 -28.92 -7.12
CA ASP B 340 28.59 -30.13 -6.87
C ASP B 340 29.96 -29.78 -6.31
N SER B 341 30.59 -30.78 -5.66
CA SER B 341 31.92 -30.56 -5.10
C SER B 341 32.93 -30.26 -6.19
N THR B 342 32.85 -30.96 -7.31
CA THR B 342 33.76 -30.74 -8.44
C THR B 342 33.18 -29.72 -9.41
N ALA B 343 32.95 -28.52 -8.89
CA ALA B 343 32.42 -27.42 -9.68
C ALA B 343 33.14 -26.14 -9.29
N ASP B 344 33.14 -25.18 -10.22
CA ASP B 344 33.82 -23.92 -9.99
C ASP B 344 32.76 -22.89 -9.63
N PRO B 345 32.74 -22.37 -8.40
CA PRO B 345 31.68 -21.43 -8.02
C PRO B 345 31.62 -20.18 -8.88
N GLU B 346 32.77 -19.67 -9.32
CA GLU B 346 32.77 -18.45 -10.14
C GLU B 346 32.11 -18.70 -11.49
N ALA B 347 32.44 -19.81 -12.13
CA ALA B 347 31.85 -20.14 -13.43
C ALA B 347 30.35 -20.37 -13.30
N VAL B 348 29.94 -21.10 -12.27
CA VAL B 348 28.52 -21.35 -12.05
C VAL B 348 27.78 -20.04 -11.83
N LEU B 349 28.35 -19.16 -11.00
CA LEU B 349 27.70 -17.89 -10.72
C LEU B 349 27.57 -17.04 -11.98
N ALA B 350 28.66 -16.96 -12.76
CA ALA B 350 28.62 -16.16 -13.98
C ALA B 350 27.60 -16.70 -14.97
N GLU B 351 27.59 -18.02 -15.17
CA GLU B 351 26.67 -18.61 -16.12
C GLU B 351 25.22 -18.42 -15.67
N ALA B 352 24.94 -18.62 -14.39
CA ALA B 352 23.58 -18.46 -13.90
C ALA B 352 23.12 -17.02 -14.01
N SER B 353 23.99 -16.06 -13.67
CA SER B 353 23.62 -14.65 -13.80
C SER B 353 23.36 -14.28 -15.24
N SER B 354 24.21 -14.74 -16.16
CA SER B 354 24.00 -14.44 -17.57
C SER B 354 22.70 -15.03 -18.08
N ARG B 355 22.42 -16.29 -17.70
CA ARG B 355 21.19 -16.93 -18.14
C ARG B 355 19.97 -16.20 -17.62
N LEU B 356 19.97 -15.83 -16.34
CA LEU B 356 18.83 -15.13 -15.77
C LEU B 356 18.64 -13.77 -16.45
N TYR B 357 19.73 -13.02 -16.64
CA TYR B 357 19.61 -11.72 -17.27
C TYR B 357 19.10 -11.82 -18.70
N SER B 358 19.60 -12.80 -19.46
CA SER B 358 19.19 -12.93 -20.85
C SER B 358 17.74 -13.39 -20.97
N ARG B 359 17.38 -14.43 -20.20
CA ARG B 359 16.05 -15.02 -20.35
C ARG B 359 14.96 -14.16 -19.74
N PHE B 360 15.19 -13.59 -18.57
CA PHE B 360 14.12 -12.92 -17.83
C PHE B 360 14.37 -11.44 -17.58
N GLY B 361 15.58 -10.93 -17.82
CA GLY B 361 15.85 -9.53 -17.66
C GLY B 361 15.66 -9.00 -16.25
N PHE B 362 16.19 -9.73 -15.27
CA PHE B 362 16.10 -9.29 -13.88
C PHE B 362 17.01 -8.09 -13.67
N SER B 363 16.45 -7.02 -13.09
CA SER B 363 17.23 -5.84 -12.81
C SER B 363 18.28 -6.11 -11.74
N SER B 364 17.93 -6.89 -10.73
CA SER B 364 18.86 -7.28 -9.68
C SER B 364 18.78 -8.79 -9.49
N CYS B 365 19.93 -9.40 -9.20
CA CYS B 365 20.01 -10.84 -9.04
C CYS B 365 21.14 -11.18 -8.09
N THR B 366 20.81 -11.84 -6.99
CA THR B 366 21.80 -12.27 -6.00
C THR B 366 21.66 -13.77 -5.81
N LEU B 367 22.74 -14.50 -6.08
CA LEU B 367 22.74 -15.95 -5.99
C LEU B 367 23.79 -16.38 -4.98
N GLN B 368 23.38 -17.16 -3.98
CA GLN B 368 24.28 -17.68 -2.98
C GLN B 368 24.69 -19.09 -3.39
N VAL B 369 25.94 -19.26 -3.78
CA VAL B 369 26.45 -20.54 -4.25
C VAL B 369 26.94 -21.32 -3.03
N GLU B 370 26.17 -22.31 -2.62
CA GLU B 370 26.52 -23.17 -1.51
C GLU B 370 27.14 -24.46 -2.03
N GLN B 371 27.48 -25.35 -1.12
CA GLN B 371 28.01 -26.67 -1.46
C GLN B 371 26.97 -27.73 -1.13
N TYR B 372 26.72 -28.62 -2.08
CA TYR B 372 25.65 -29.61 -1.93
C TYR B 372 26.10 -30.70 -0.98
N GLN B 373 25.83 -30.52 0.30
CA GLN B 373 26.05 -31.59 1.26
C GLN B 373 24.98 -32.66 1.09
N PRO B 374 25.26 -33.91 1.46
CA PRO B 374 24.22 -34.94 1.41
C PRO B 374 23.04 -34.64 2.32
N GLU B 375 23.21 -33.81 3.34
CA GLU B 375 22.12 -33.44 4.23
C GLU B 375 21.24 -32.34 3.65
N MET B 376 21.62 -31.75 2.52
CA MET B 376 20.80 -30.70 1.92
C MET B 376 19.43 -31.23 1.51
N ALA B 377 19.40 -32.44 0.94
CA ALA B 377 18.16 -33.04 0.46
C ALA B 377 17.31 -33.62 1.59
N GLN B 378 17.65 -33.34 2.85
CA GLN B 378 16.89 -33.82 3.98
C GLN B 378 16.23 -32.72 4.79
N CYS B 379 16.74 -31.49 4.72
CA CYS B 379 16.16 -30.40 5.48
C CYS B 379 14.76 -30.06 4.95
N LEU B 380 13.83 -29.85 5.89
CA LEU B 380 12.47 -29.49 5.50
C LEU B 380 12.43 -28.10 4.86
N ARG B 381 13.22 -27.17 5.37
CA ARG B 381 13.19 -25.80 4.86
C ARG B 381 13.91 -25.68 3.51
N CYS B 382 14.70 -26.67 3.12
CA CYS B 382 15.41 -26.65 1.85
C CYS B 382 14.60 -27.29 0.73
N GLN B 383 13.27 -27.31 0.85
CA GLN B 383 12.39 -27.90 -0.15
C GLN B 383 11.55 -26.80 -0.80
N GLU B 384 11.42 -26.88 -2.11
CA GLU B 384 10.68 -25.88 -2.86
C GLU B 384 9.18 -26.00 -2.57
N PRO B 385 8.43 -24.91 -2.76
CA PRO B 385 6.99 -24.99 -2.54
C PRO B 385 6.35 -25.99 -3.48
N PRO B 386 5.28 -26.64 -3.03
CA PRO B 386 4.63 -27.66 -3.87
C PRO B 386 3.92 -27.04 -5.07
N GLN B 387 3.71 -27.88 -6.08
CA GLN B 387 3.06 -27.43 -7.30
C GLN B 387 1.64 -26.95 -7.00
N ALA B 388 1.22 -25.90 -7.70
CA ALA B 388 -0.11 -25.34 -7.53
C ALA B 388 -1.17 -26.24 -8.16
ZN ZN C . -9.43 3.10 21.65
ZN ZN D . 18.27 -26.94 5.21
C1 AV0 E . -2.39 0.41 21.34
O1 AV0 E . -2.59 -0.92 21.05
C2 AV0 E . -1.27 0.53 22.38
O2 AV0 E . -1.71 0.14 23.66
C3 AV0 E . -0.84 1.96 22.53
O3 AV0 E . 0.27 2.07 23.40
C4 AV0 E . -0.46 2.56 21.18
O4 AV0 E . -0.10 3.89 21.45
C5 AV0 E . -1.70 2.44 20.28
O5 AV0 E . -2.02 1.06 20.16
C6 AV0 E . -1.51 2.94 18.88
O6 AV0 E . -2.15 2.04 18.00
CAA AV0 E . -12.05 -5.87 27.70
CAB AV0 E . -9.19 -9.62 28.82
OAI AV0 E . 0.56 8.29 23.67
OAJ AV0 E . 1.87 -1.86 12.83
OAL AV0 E . 1.95 -0.30 19.44
OAN AV0 E . -0.65 -2.17 15.80
OAP AV0 E . -1.95 -4.43 16.99
OAQ AV0 E . 1.85 6.25 24.45
OAR AV0 E . 3.83 1.41 14.77
OAS AV0 E . 3.60 4.21 23.44
OAT AV0 E . 5.40 0.24 16.87
OAU AV0 E . 2.66 2.81 21.11
OAV AV0 E . 4.09 -1.86 18.34
CAW AV0 E . -11.90 -4.65 26.81
CAX AV0 E . -9.11 -9.29 27.34
CAY AV0 E . -10.73 -4.77 25.83
CAZ AV0 E . -7.83 -8.54 26.97
CBA AV0 E . -10.54 -3.54 24.96
CBB AV0 E . -7.71 -8.24 25.49
CBC AV0 E . -9.28 -3.59 24.12
CBD AV0 E . -6.40 -7.54 25.15
CBE AV0 E . -8.59 -2.23 24.02
CBF AV0 E . -6.23 -7.25 23.67
CBG AV0 E . -8.81 -1.55 22.68
CBH AV0 E . -4.85 -6.71 23.34
CBI AV0 E . -7.92 -2.09 21.58
CBJ AV0 E . -4.56 -6.61 21.85
CBK AV0 E . -6.44 -2.01 21.92
CBL AV0 E . -4.92 -5.26 21.26
CBM AV0 E . 0.54 7.84 22.34
CBN AV0 E . 2.33 -0.59 13.19
CBP AV0 E . 1.43 -1.37 20.18
CBQ AV0 E . -5.57 -2.48 20.75
CBR AV0 E . -4.05 -4.12 21.82
CBS AV0 E . -3.48 -1.66 21.86
CBT AV0 E . -3.30 -2.88 19.76
OBV AV0 E . -2.35 -3.93 19.84
OBX AV0 E . -0.46 -2.72 19.85
OBY AV0 E . 0.82 5.92 20.99
OBZ AV0 E . 2.34 -1.87 15.18
OCB AV0 E . 1.53 -1.19 17.22
CCC AV0 E . 0.76 6.34 22.35
CCD AV0 E . 2.48 -0.54 14.70
CCF AV0 E . 0.75 -2.34 19.23
CCH AV0 E . -0.28 -2.76 17.03
CCJ AV0 E . -1.16 -3.73 19.17
CCL AV0 E . -1.51 -3.32 17.74
CCM AV0 E . -4.10 -2.79 21.05
CCN AV0 E . 2.05 5.95 23.08
CCO AV0 E . 3.84 0.05 15.11
CCQ AV0 E . 0.39 -1.70 17.88
CCR AV0 E . 0.96 4.55 20.81
CCS AV0 E . 2.44 -2.02 16.55
CCT AV0 E . 2.33 4.46 22.88
CCU AV0 E . 4.08 -0.16 16.61
CCV AV0 E . 2.31 4.14 21.38
CCW AV0 E . 3.84 -1.62 16.99
ZN ZN F . 28.57 -8.88 -6.33
ZN ZN G . 21.07 -22.30 0.79
ZN ZN H . -10.65 9.23 -19.20
ZN ZN I . 30.68 -3.17 -11.29
C1 AV0 J . -5.15 4.21 -20.43
O1 AV0 J . -4.01 4.97 -20.24
C2 AV0 J . -4.94 3.29 -21.62
O2 AV0 J . -5.01 3.99 -22.84
C3 AV0 J . -6.04 2.26 -21.70
O3 AV0 J . -5.80 1.33 -22.72
C4 AV0 J . -6.17 1.51 -20.37
O4 AV0 J . -7.23 0.61 -20.57
C5 AV0 J . -6.44 2.57 -19.29
O5 AV0 J . -5.34 3.47 -19.26
C6 AV0 J . -6.55 2.01 -17.89
O6 AV0 J . -5.89 2.90 -17.02
CAA AV0 J . -4.94 16.30 -25.63
CAB AV0 J . -0.58 15.62 -27.63
OAI AV0 J . -11.22 -1.75 -22.37
OAJ AV0 J . 0.24 0.61 -13.07
OAL AV0 J . -2.24 0.48 -19.40
OAN AV0 J . -1.15 3.27 -15.59
OAP AV0 J . 0.05 5.59 -16.75
OAQ AV0 J . -8.99 -1.87 -23.58
OAR AV0 J . -2.00 -2.50 -14.95
OAS AV0 J . -6.24 -2.59 -23.12
OAT AV0 J . -0.65 -3.07 -17.42
OAU AV0 J . -5.01 -1.36 -20.83
OAV AV0 J . 0.29 -0.75 -18.87
CAW AV0 J . -5.79 15.51 -24.65
CAX AV0 J . -0.57 15.23 -26.16
CAY AV0 J . -5.00 14.44 -23.92
CAZ AV0 J . -0.61 13.72 -25.95
CBA AV0 J . -5.86 13.62 -22.97
CBB AV0 J . -0.57 13.32 -24.48
CBC AV0 J . -5.12 12.43 -22.37
CBD AV0 J . -0.55 11.81 -24.30
CBE AV0 J . -5.99 11.19 -22.24
CBF AV0 J . -0.47 11.37 -22.85
CBG AV0 J . -6.47 10.92 -20.82
CBH AV0 J . -0.29 9.87 -22.72
CBI AV0 J . -5.39 10.27 -19.96
CBJ AV0 J . 0.01 9.41 -21.29
CBK AV0 J . -4.88 8.96 -20.54
CBL AV0 J . -1.24 9.04 -20.51
CBM AV0 J . -10.59 -1.67 -21.11
CBN AV0 J . -0.75 -0.35 -13.38
CBP AV0 J . -1.67 1.53 -20.15
CBQ AV0 J . -3.89 8.29 -19.59
CBR AV0 J . -1.95 7.82 -21.09
CBS AV0 J . -3.89 6.18 -20.97
CBT AV0 J . -2.36 6.36 -19.07
OBV AV0 J . -1.03 6.01 -19.43
OBX AV0 J . -1.27 3.79 -19.63
OBY AV0 J . -8.54 -1.18 -20.04
OBZ AV0 J . 0.05 0.44 -15.45
OCB AV0 J . -1.26 1.05 -17.25
CCC AV0 J . -9.17 -1.18 -21.31
CCD AV0 J . -0.97 -0.37 -14.88
CCF AV0 J . -0.98 2.48 -19.20
CCH AV0 J . -0.68 3.36 -16.90
CCJ AV0 J . -0.58 4.80 -18.95
CCL AV0 J . -0.85 4.76 -17.44
CCM AV0 J . -3.01 7.16 -20.19
CCN AV0 J . -8.39 -2.05 -22.31
CCO AV0 J . -0.90 -1.79 -15.45
CCQ AV0 J . -1.45 2.36 -17.75
CCR AV0 J . -7.24 -0.70 -20.04
CCS AV0 J . -0.02 0.58 -16.84
CCT AV0 J . -6.92 -1.65 -22.32
CCU AV0 J . -0.88 -1.75 -16.97
CCV AV0 J . -6.38 -1.63 -20.90
CCW AV0 J . 0.21 -0.80 -17.47
#